data_6SG8
#
_entry.id   6SG8
#
_cell.length_a   75.700
_cell.length_b   84.040
_cell.length_c   81.690
_cell.angle_alpha   90.000
_cell.angle_beta   112.850
_cell.angle_gamma   90.000
#
_symmetry.space_group_name_H-M   'P 1 21 1'
#
loop_
_entity.id
_entity.type
_entity.pdbx_description
1 polymer Hemagglutinin-neuraminidase
2 non-polymer 2-acetamido-2-deoxy-beta-D-glucopyranose
3 non-polymer 'ACETATE ION'
4 non-polymer 'CALCIUM ION'
5 water water
#
_entity_poly.entity_id   1
_entity_poly.type   'polypeptide(L)'
_entity_poly.pdbx_seq_one_letter_code
;NAVCRGPGDKPTQNIQLFNGRYAIINNSTAYPSRNSISELKVPRDFVPSPGTFHGCSRFPSYSNHYGLWCYSHTVSNDTC
DGSNPSVQILSVGKLITGDNGQPEHKTLYTQQLSQTDRLYHCSVTMTTLGCYILCSKPRVNETQDYETIGIEPMIIGMLG
LDGVYTDLGNPVGISDNSLYAMYPGPGGGVMYKDFLVFPLHGGVRFSEASKMLGKNITFRGFPPSDTCTEHEKSLTQEPA
NMLTSPYYGEVLVLDFLYVCTLLDNIPGECSIQLIPPDNMTMGSESKLYKLNNSLLLYKRSSSWWPYTEVYQLSLRVSKN
SMKVRESVRLNITSTTRPGVEGCNINKVCPKVCVTGVFQAPGIIRKALSPKESNEDLLFFQAWTSDSIARQGPLISLCRA
DSCVLTIPLGNSDVFIGYTDSFCLSDRDNEKIYCVALLELDNMPYSEMTIRSFLYLIKGTETSQVAPA
;
_entity_poly.pdbx_strand_id   A,B
#
loop_
_chem_comp.id
_chem_comp.type
_chem_comp.name
_chem_comp.formula
ACT non-polymer 'ACETATE ION' 'C2 H3 O2 -1'
CA non-polymer 'CALCIUM ION' 'Ca 2'
NAG D-saccharide, beta linking 2-acetamido-2-deoxy-beta-D-glucopyranose 'C8 H15 N O6'
#
# COMPACT_ATOMS: atom_id res chain seq x y z
N SER A 33 -18.45 -24.90 -13.01
CA SER A 33 -18.68 -23.52 -12.63
C SER A 33 -20.03 -23.34 -11.93
N ARG A 34 -20.16 -22.25 -11.19
CA ARG A 34 -21.41 -21.86 -10.56
C ARG A 34 -21.62 -20.37 -10.77
N ASN A 35 -22.77 -19.87 -10.34
CA ASN A 35 -23.13 -18.47 -10.49
C ASN A 35 -22.81 -17.75 -9.18
N SER A 36 -21.52 -17.44 -8.98
CA SER A 36 -21.11 -16.78 -7.75
C SER A 36 -19.73 -16.15 -7.91
N ILE A 37 -19.63 -14.86 -7.63
CA ILE A 37 -18.35 -14.15 -7.61
C ILE A 37 -18.35 -13.17 -6.46
N SER A 38 -17.26 -13.15 -5.69
CA SER A 38 -17.14 -12.26 -4.55
C SER A 38 -15.67 -11.90 -4.36
N GLU A 39 -15.45 -10.75 -3.72
CA GLU A 39 -14.10 -10.26 -3.48
C GLU A 39 -13.55 -10.83 -2.17
N LEU A 40 -12.23 -10.93 -2.08
CA LEU A 40 -11.56 -11.46 -0.90
C LEU A 40 -10.50 -10.46 -0.44
N LYS A 41 -10.32 -10.38 0.88
CA LYS A 41 -9.26 -9.54 1.42
C LYS A 41 -7.90 -10.05 0.98
N VAL A 42 -7.09 -9.14 0.43
CA VAL A 42 -5.68 -9.44 0.16
C VAL A 42 -4.85 -8.78 1.25
N PRO A 43 -4.47 -9.51 2.29
CA PRO A 43 -3.71 -8.88 3.39
C PRO A 43 -2.38 -8.29 2.95
N ARG A 44 -1.65 -8.98 2.10
CA ARG A 44 -0.33 -8.53 1.65
C ARG A 44 -0.33 -8.47 0.14
N ASP A 45 -0.39 -7.26 -0.40
CA ASP A 45 -0.37 -7.08 -1.85
C ASP A 45 1.04 -7.30 -2.37
N PHE A 46 1.18 -8.23 -3.32
CA PHE A 46 2.49 -8.43 -3.93
C PHE A 46 2.91 -7.26 -4.80
N VAL A 47 1.99 -6.38 -5.17
CA VAL A 47 2.31 -5.18 -5.94
C VAL A 47 2.89 -4.14 -4.97
N PRO A 48 4.16 -3.80 -5.08
CA PRO A 48 4.72 -2.79 -4.18
C PRO A 48 4.15 -1.42 -4.49
N SER A 49 4.09 -0.58 -3.47
CA SER A 49 3.66 0.79 -3.63
C SER A 49 4.78 1.60 -4.27
N PRO A 50 4.48 2.81 -4.73
CA PRO A 50 5.52 3.63 -5.37
C PRO A 50 6.76 3.82 -4.53
N GLY A 51 6.65 3.77 -3.20
CA GLY A 51 7.80 3.83 -2.33
C GLY A 51 8.20 5.22 -1.87
N THR A 52 7.53 6.26 -2.34
CA THR A 52 7.74 7.61 -1.84
C THR A 52 6.41 8.34 -1.88
N PHE A 53 6.37 9.50 -1.22
CA PHE A 53 5.13 10.25 -1.13
C PHE A 53 4.59 10.62 -2.51
N HIS A 54 5.42 11.23 -3.35
CA HIS A 54 4.94 11.67 -4.66
C HIS A 54 5.18 10.67 -5.79
N GLY A 55 5.64 9.46 -5.48
CA GLY A 55 5.87 8.48 -6.53
C GLY A 55 4.58 7.99 -7.15
N CYS A 56 4.64 7.73 -8.46
CA CYS A 56 3.56 7.07 -9.18
C CYS A 56 4.07 5.79 -9.81
N SER A 57 3.17 4.83 -9.95
CA SER A 57 3.47 3.60 -10.66
C SER A 57 2.42 3.36 -11.74
N ARG A 58 2.87 2.95 -12.92
CA ARG A 58 1.97 2.65 -14.03
C ARG A 58 2.45 1.39 -14.73
N PHE A 59 1.57 0.82 -15.54
CA PHE A 59 1.90 -0.24 -16.50
C PHE A 59 2.21 -1.56 -15.79
N PRO A 60 1.24 -2.15 -15.09
CA PRO A 60 1.47 -3.47 -14.51
C PRO A 60 1.82 -4.47 -15.59
N SER A 61 2.81 -5.30 -15.30
CA SER A 61 3.20 -6.38 -16.21
C SER A 61 3.42 -7.63 -15.38
N TYR A 62 2.73 -8.71 -15.75
CA TYR A 62 2.70 -9.91 -14.94
C TYR A 62 2.93 -11.13 -15.82
N SER A 63 3.56 -12.15 -15.24
CA SER A 63 3.77 -13.42 -15.92
C SER A 63 4.00 -14.48 -14.85
N ASN A 64 3.34 -15.62 -14.99
CA ASN A 64 3.59 -16.73 -14.09
C ASN A 64 3.89 -17.98 -14.90
N HIS A 65 4.69 -18.85 -14.31
CA HIS A 65 5.13 -20.09 -14.94
C HIS A 65 4.91 -21.18 -13.89
N TYR A 66 3.83 -21.94 -14.06
CA TYR A 66 3.42 -22.95 -13.09
C TYR A 66 3.21 -22.23 -11.76
N GLY A 67 3.97 -22.54 -10.72
CA GLY A 67 3.83 -21.87 -9.45
C GLY A 67 4.70 -20.65 -9.25
N LEU A 68 5.54 -20.31 -10.23
CA LEU A 68 6.41 -19.14 -10.14
C LEU A 68 5.78 -17.97 -10.90
N TRP A 69 5.97 -16.75 -10.37
CA TRP A 69 5.42 -15.55 -10.98
C TRP A 69 6.46 -14.45 -11.03
N CYS A 70 6.17 -13.46 -11.88
CA CYS A 70 7.00 -12.27 -12.02
C CYS A 70 6.10 -11.07 -12.25
N TYR A 71 6.36 -9.99 -11.52
CA TYR A 71 5.57 -8.77 -11.65
C TYR A 71 6.49 -7.57 -11.82
N SER A 72 6.02 -6.58 -12.58
CA SER A 72 6.84 -5.43 -12.91
C SER A 72 5.96 -4.23 -13.21
N HIS A 73 6.44 -3.04 -12.82
CA HIS A 73 5.80 -1.81 -13.24
C HIS A 73 6.84 -0.69 -13.22
N THR A 74 6.42 0.47 -13.72
CA THR A 74 7.27 1.62 -13.93
C THR A 74 6.99 2.66 -12.87
N VAL A 75 8.04 3.21 -12.27
CA VAL A 75 7.92 4.14 -11.16
C VAL A 75 8.62 5.43 -11.54
N SER A 76 7.90 6.55 -11.39
CA SER A 76 8.44 7.88 -11.61
C SER A 76 7.99 8.78 -10.46
N ASN A 77 8.36 10.05 -10.53
CA ASN A 77 8.02 11.00 -9.47
C ASN A 77 7.00 12.01 -9.97
N ASP A 78 5.91 12.16 -9.21
CA ASP A 78 4.86 13.12 -9.52
C ASP A 78 3.96 12.63 -10.65
N THR A 79 4.53 12.45 -11.84
CA THR A 79 3.73 12.04 -12.98
C THR A 79 4.47 10.94 -13.74
N CYS A 80 3.70 9.99 -14.25
CA CYS A 80 4.25 8.84 -14.95
C CYS A 80 3.94 8.91 -16.45
N ASP A 81 4.25 10.05 -17.07
CA ASP A 81 3.91 10.25 -18.48
C ASP A 81 5.13 10.45 -19.36
N GLY A 82 6.35 10.40 -18.81
CA GLY A 82 7.57 10.63 -19.55
C GLY A 82 8.22 11.96 -19.29
N SER A 83 7.52 12.92 -18.69
CA SER A 83 8.12 14.22 -18.40
C SER A 83 9.10 14.15 -17.23
N ASN A 84 9.14 13.04 -16.51
CA ASN A 84 10.13 12.82 -15.46
C ASN A 84 10.82 11.49 -15.70
N PRO A 85 12.09 11.38 -15.31
CA PRO A 85 12.77 10.08 -15.37
C PRO A 85 12.01 9.02 -14.59
N SER A 86 12.23 7.77 -14.96
CA SER A 86 11.53 6.68 -14.30
C SER A 86 12.49 5.52 -14.07
N VAL A 87 12.07 4.63 -13.18
CA VAL A 87 12.75 3.37 -12.93
C VAL A 87 11.74 2.25 -13.10
N GLN A 88 12.24 1.02 -13.12
CA GLN A 88 11.39 -0.14 -13.29
C GLN A 88 11.57 -1.07 -12.09
N ILE A 89 10.46 -1.55 -11.56
CA ILE A 89 10.48 -2.47 -10.43
C ILE A 89 10.21 -3.87 -10.96
N LEU A 90 10.98 -4.84 -10.47
CA LEU A 90 10.89 -6.22 -10.95
C LEU A 90 10.86 -7.16 -9.75
N SER A 91 9.79 -7.95 -9.65
CA SER A 91 9.60 -8.87 -8.55
C SER A 91 9.38 -10.28 -9.08
N VAL A 92 9.98 -11.26 -8.41
CA VAL A 92 9.68 -12.67 -8.64
C VAL A 92 9.33 -13.30 -7.31
N GLY A 93 8.42 -14.27 -7.36
CA GLY A 93 8.02 -14.97 -6.17
C GLY A 93 7.33 -16.27 -6.54
N LYS A 94 6.65 -16.85 -5.56
CA LYS A 94 5.98 -18.12 -5.74
C LYS A 94 4.59 -18.06 -5.14
N LEU A 95 3.75 -19.00 -5.58
CA LEU A 95 2.38 -19.12 -5.07
C LEU A 95 2.36 -20.08 -3.89
N ILE A 96 1.72 -19.65 -2.80
CA ILE A 96 1.43 -20.54 -1.69
C ILE A 96 -0.07 -20.52 -1.46
N THR A 97 -0.56 -21.53 -0.75
CA THR A 97 -1.98 -21.65 -0.44
C THR A 97 -2.22 -21.11 0.96
N GLY A 98 -2.59 -19.83 1.02
CA GLY A 98 -2.81 -19.15 2.29
C GLY A 98 -4.07 -19.58 3.00
N ASP A 99 -4.54 -18.76 3.92
CA ASP A 99 -5.74 -19.09 4.68
C ASP A 99 -6.93 -19.32 3.74
N ASN A 100 -7.76 -20.30 4.10
CA ASN A 100 -8.98 -20.65 3.38
C ASN A 100 -8.73 -21.28 2.03
N GLY A 101 -7.48 -21.61 1.70
CA GLY A 101 -7.18 -22.23 0.43
C GLY A 101 -7.02 -21.28 -0.73
N GLN A 102 -7.03 -19.97 -0.50
CA GLN A 102 -6.85 -19.03 -1.58
C GLN A 102 -5.36 -18.84 -1.87
N PRO A 103 -5.01 -18.59 -3.14
CA PRO A 103 -3.60 -18.44 -3.48
C PRO A 103 -3.03 -17.11 -3.00
N GLU A 104 -1.75 -17.14 -2.66
CA GLU A 104 -1.04 -15.94 -2.21
C GLU A 104 0.28 -15.83 -2.96
N HIS A 105 0.63 -14.59 -3.32
CA HIS A 105 1.86 -14.31 -4.04
C HIS A 105 2.95 -13.98 -3.03
N LYS A 106 3.89 -14.90 -2.84
CA LYS A 106 4.99 -14.68 -1.91
C LYS A 106 6.18 -14.14 -2.68
N THR A 107 6.58 -12.92 -2.36
CA THR A 107 7.70 -12.28 -3.02
C THR A 107 9.01 -12.84 -2.49
N LEU A 108 9.90 -13.24 -3.42
CA LEU A 108 11.22 -13.73 -3.05
C LEU A 108 12.30 -12.66 -3.21
N TYR A 109 12.33 -11.97 -4.35
CA TYR A 109 13.34 -10.96 -4.60
C TYR A 109 12.76 -9.85 -5.44
N THR A 110 13.26 -8.65 -5.23
CA THR A 110 12.83 -7.48 -5.97
C THR A 110 14.06 -6.72 -6.45
N GLN A 111 13.98 -6.22 -7.68
CA GLN A 111 15.09 -5.50 -8.30
C GLN A 111 14.57 -4.21 -8.92
N GLN A 112 15.31 -3.14 -8.72
CA GLN A 112 15.04 -1.86 -9.35
C GLN A 112 16.06 -1.65 -10.46
N LEU A 113 15.58 -1.45 -11.69
CA LEU A 113 16.49 -1.17 -12.79
C LEU A 113 16.96 0.28 -12.75
N SER A 114 18.06 0.53 -13.45
CA SER A 114 18.64 1.87 -13.49
C SER A 114 17.64 2.88 -14.02
N GLN A 115 17.83 4.14 -13.61
CA GLN A 115 16.95 5.20 -14.04
C GLN A 115 17.08 5.44 -15.54
N THR A 116 15.97 5.81 -16.18
CA THR A 116 15.93 6.16 -17.58
C THR A 116 15.37 7.56 -17.72
N ASP A 117 15.74 8.24 -18.82
CA ASP A 117 15.40 9.65 -18.97
C ASP A 117 13.89 9.88 -18.95
N ARG A 118 13.14 9.00 -19.61
CA ARG A 118 11.68 9.15 -19.65
C ARG A 118 11.01 7.91 -19.07
N LEU A 119 10.09 7.31 -19.81
CA LEU A 119 9.37 6.12 -19.35
C LEU A 119 10.12 4.84 -19.71
N TYR A 120 9.89 3.80 -18.92
CA TYR A 120 10.19 2.43 -19.30
C TYR A 120 8.95 1.84 -19.96
N HIS A 121 9.16 1.02 -21.00
CA HIS A 121 8.10 0.18 -21.54
C HIS A 121 8.60 -1.26 -21.56
N CYS A 122 8.00 -2.08 -20.71
CA CYS A 122 8.56 -3.38 -20.37
C CYS A 122 7.52 -4.48 -20.48
N SER A 123 8.02 -5.68 -20.77
CA SER A 123 7.25 -6.92 -20.78
C SER A 123 8.07 -7.97 -20.05
N VAL A 124 7.44 -8.71 -19.15
CA VAL A 124 8.15 -9.73 -18.38
C VAL A 124 7.59 -11.10 -18.74
N THR A 125 8.46 -12.11 -18.63
CA THR A 125 8.12 -13.49 -18.90
C THR A 125 8.80 -14.35 -17.83
N MET A 126 8.00 -15.08 -17.07
CA MET A 126 8.52 -15.95 -16.02
C MET A 126 8.91 -17.30 -16.61
N THR A 127 10.07 -17.81 -16.16
CA THR A 127 10.55 -19.14 -16.51
C THR A 127 11.00 -19.83 -15.24
N THR A 128 11.46 -21.07 -15.39
CA THR A 128 11.99 -21.80 -14.23
C THR A 128 13.32 -21.23 -13.76
N LEU A 129 14.07 -20.61 -14.68
CA LEU A 129 15.35 -19.99 -14.34
C LEU A 129 15.18 -18.63 -13.67
N GLY A 130 14.05 -17.99 -13.85
CA GLY A 130 13.81 -16.67 -13.33
C GLY A 130 13.00 -15.87 -14.32
N CYS A 131 12.97 -14.56 -14.12
CA CYS A 131 12.16 -13.66 -14.92
C CYS A 131 13.05 -12.96 -15.95
N TYR A 132 12.62 -13.00 -17.20
CA TYR A 132 13.24 -12.21 -18.25
C TYR A 132 12.39 -10.99 -18.53
N ILE A 133 13.04 -9.84 -18.65
CA ILE A 133 12.38 -8.57 -18.89
C ILE A 133 12.95 -7.95 -20.16
N LEU A 134 12.05 -7.51 -21.03
CA LEU A 134 12.40 -6.79 -22.26
C LEU A 134 11.80 -5.39 -22.17
N CYS A 135 12.64 -4.37 -22.32
CA CYS A 135 12.21 -2.99 -22.14
C CYS A 135 12.70 -2.08 -23.25
N SER A 136 11.90 -1.06 -23.52
CA SER A 136 12.29 0.08 -24.33
C SER A 136 12.53 1.27 -23.41
N LYS A 137 13.59 2.03 -23.69
CA LYS A 137 13.98 3.20 -22.90
C LYS A 137 13.92 4.46 -23.76
N PRO A 138 12.72 4.93 -24.09
CA PRO A 138 12.60 6.04 -25.05
C PRO A 138 13.25 7.31 -24.55
N ARG A 139 13.95 7.99 -25.47
CA ARG A 139 14.52 9.31 -25.19
C ARG A 139 13.61 10.43 -25.64
N VAL A 140 12.57 10.12 -26.41
CA VAL A 140 11.64 11.09 -26.98
C VAL A 140 10.23 10.55 -26.79
N ASN A 141 9.25 11.41 -27.04
CA ASN A 141 7.87 10.94 -26.89
C ASN A 141 7.48 10.07 -28.09
N GLU A 142 6.30 9.45 -27.97
CA GLU A 142 5.90 8.43 -28.92
C GLU A 142 5.80 8.98 -30.35
N THR A 143 5.23 10.18 -30.51
CA THR A 143 5.10 10.75 -31.84
C THR A 143 6.45 11.04 -32.46
N GLN A 144 7.38 11.60 -31.68
CA GLN A 144 8.71 11.88 -32.24
C GLN A 144 9.46 10.61 -32.59
N ASP A 145 9.19 9.51 -31.89
CA ASP A 145 9.89 8.26 -32.17
C ASP A 145 9.45 7.67 -33.51
N TYR A 146 8.13 7.66 -33.76
CA TYR A 146 7.60 7.09 -34.99
C TYR A 146 7.92 7.92 -36.23
N GLU A 147 8.35 9.17 -36.06
CA GLU A 147 8.73 10.01 -37.19
C GLU A 147 10.20 9.86 -37.58
N THR A 148 10.99 9.16 -36.77
CA THR A 148 12.43 9.04 -36.97
C THR A 148 12.79 7.57 -37.19
N ILE A 149 13.49 7.29 -38.28
CA ILE A 149 13.93 5.92 -38.54
C ILE A 149 14.89 5.49 -37.43
N GLY A 150 14.74 4.24 -36.99
CA GLY A 150 15.52 3.73 -35.89
C GLY A 150 14.72 3.66 -34.61
N ILE A 151 14.90 2.59 -33.86
CA ILE A 151 14.16 2.38 -32.63
C ILE A 151 14.96 2.92 -31.46
N GLU A 152 14.23 3.38 -30.43
CA GLU A 152 14.86 3.86 -29.22
C GLU A 152 15.56 2.71 -28.48
N PRO A 153 16.52 3.03 -27.61
CA PRO A 153 17.35 1.99 -27.00
C PRO A 153 16.51 0.98 -26.21
N MET A 154 16.98 -0.26 -26.19
CA MET A 154 16.29 -1.34 -25.51
C MET A 154 17.27 -2.14 -24.67
N ILE A 155 16.73 -2.82 -23.67
CA ILE A 155 17.49 -3.72 -22.82
C ILE A 155 16.71 -5.00 -22.64
N ILE A 156 17.43 -6.07 -22.34
CA ILE A 156 16.87 -7.33 -21.88
C ILE A 156 17.69 -7.79 -20.70
N GLY A 157 17.01 -8.21 -19.62
CA GLY A 157 17.68 -8.64 -18.42
C GLY A 157 16.99 -9.86 -17.83
N MET A 158 17.55 -10.35 -16.74
CA MET A 158 16.99 -11.51 -16.07
C MET A 158 17.18 -11.37 -14.57
N LEU A 159 16.11 -11.58 -13.81
CA LEU A 159 16.17 -11.73 -12.37
C LEU A 159 16.05 -13.21 -12.04
N GLY A 160 17.11 -13.78 -11.50
CA GLY A 160 17.11 -15.19 -11.19
C GLY A 160 16.39 -15.48 -9.89
N LEU A 161 16.05 -16.76 -9.72
CA LEU A 161 15.46 -17.19 -8.45
C LEU A 161 16.41 -17.01 -7.27
N ASP A 162 17.69 -16.75 -7.53
CA ASP A 162 18.65 -16.44 -6.48
C ASP A 162 18.76 -14.96 -6.19
N GLY A 163 17.84 -14.15 -6.72
CA GLY A 163 17.85 -12.72 -6.48
C GLY A 163 18.89 -11.94 -7.25
N VAL A 164 19.65 -12.59 -8.12
CA VAL A 164 20.67 -11.90 -8.91
C VAL A 164 20.04 -11.39 -10.20
N TYR A 165 20.23 -10.10 -10.48
CA TYR A 165 19.79 -9.51 -11.74
C TYR A 165 20.97 -9.42 -12.69
N THR A 166 20.79 -9.96 -13.90
CA THR A 166 21.82 -9.96 -14.92
C THR A 166 21.34 -9.11 -16.09
N ASP A 167 22.14 -8.11 -16.47
CA ASP A 167 21.84 -7.28 -17.62
C ASP A 167 22.40 -7.96 -18.85
N LEU A 168 21.52 -8.53 -19.67
CA LEU A 168 21.93 -9.26 -20.86
C LEU A 168 22.23 -8.34 -22.04
N GLY A 169 22.22 -7.03 -21.82
CA GLY A 169 22.64 -6.08 -22.83
C GLY A 169 21.56 -5.75 -23.83
N ASN A 170 22.01 -5.27 -24.99
CA ASN A 170 21.09 -4.90 -26.06
C ASN A 170 20.49 -6.15 -26.68
N PRO A 171 19.16 -6.23 -26.78
CA PRO A 171 18.53 -7.41 -27.42
C PRO A 171 19.02 -7.57 -28.86
N VAL A 172 19.56 -8.75 -29.15
CA VAL A 172 20.09 -9.04 -30.48
C VAL A 172 18.93 -9.37 -31.43
N GLY A 173 19.07 -8.96 -32.68
CA GLY A 173 18.10 -9.27 -33.70
C GLY A 173 17.29 -8.09 -34.22
N ILE A 174 17.76 -6.87 -34.04
CA ILE A 174 17.03 -5.67 -34.44
C ILE A 174 17.77 -4.97 -35.57
N SER A 175 17.10 -4.82 -36.71
CA SER A 175 17.69 -4.16 -37.88
C SER A 175 17.34 -2.68 -37.82
N ASP A 176 18.34 -1.83 -38.07
CA ASP A 176 18.14 -0.39 -37.92
C ASP A 176 17.26 0.16 -39.03
N ASN A 177 17.70 0.02 -40.29
CA ASN A 177 17.04 0.71 -41.39
C ASN A 177 15.58 0.31 -41.53
N SER A 178 15.23 -0.89 -41.07
CA SER A 178 13.88 -1.39 -41.30
C SER A 178 12.86 -0.77 -40.35
N LEU A 179 13.23 -0.52 -39.10
CA LEU A 179 12.26 -0.24 -38.04
C LEU A 179 12.34 1.21 -37.58
N TYR A 180 11.17 1.82 -37.39
CA TYR A 180 11.04 3.20 -36.89
C TYR A 180 10.77 3.28 -35.40
N ALA A 181 10.18 2.23 -34.82
CA ALA A 181 9.82 2.22 -33.42
C ALA A 181 9.49 0.79 -33.03
N MET A 182 9.70 0.46 -31.75
CA MET A 182 9.42 -0.88 -31.26
C MET A 182 9.24 -0.81 -29.76
N TYR A 183 8.07 -1.26 -29.27
CA TYR A 183 7.75 -1.21 -27.85
C TYR A 183 7.23 -2.56 -27.39
N PRO A 184 7.78 -3.13 -26.32
CA PRO A 184 7.24 -4.37 -25.77
C PRO A 184 6.14 -4.12 -24.75
N GLY A 185 5.26 -5.11 -24.63
CA GLY A 185 4.25 -5.11 -23.59
C GLY A 185 3.14 -4.11 -23.82
N PRO A 186 2.56 -3.59 -22.72
CA PRO A 186 2.97 -3.82 -21.33
C PRO A 186 2.63 -5.22 -20.78
N GLY A 187 1.77 -5.95 -21.50
CA GLY A 187 1.48 -7.32 -21.11
C GLY A 187 2.71 -8.20 -21.09
N GLY A 188 2.59 -9.34 -20.43
CA GLY A 188 3.71 -10.25 -20.33
C GLY A 188 3.82 -11.19 -21.52
N GLY A 189 5.00 -11.81 -21.64
CA GLY A 189 5.23 -12.83 -22.63
C GLY A 189 5.00 -14.22 -22.05
N VAL A 190 5.28 -15.23 -22.88
CA VAL A 190 5.05 -16.62 -22.49
C VAL A 190 6.24 -17.48 -22.91
N MET A 191 6.30 -18.68 -22.35
CA MET A 191 7.26 -19.69 -22.73
C MET A 191 6.55 -20.70 -23.62
N TYR A 192 6.89 -20.74 -24.90
CA TYR A 192 6.26 -21.64 -25.87
C TYR A 192 7.29 -22.57 -26.50
N LYS A 193 7.21 -23.85 -26.18
CA LYS A 193 8.10 -24.87 -26.76
C LYS A 193 9.57 -24.47 -26.67
N ASP A 194 10.02 -24.16 -25.46
CA ASP A 194 11.42 -23.77 -25.23
C ASP A 194 11.77 -22.46 -25.91
N PHE A 195 10.76 -21.71 -26.36
CA PHE A 195 10.96 -20.40 -26.97
C PHE A 195 10.55 -19.32 -25.98
N LEU A 196 11.37 -18.28 -25.89
CA LEU A 196 11.04 -17.08 -25.12
C LEU A 196 10.36 -16.09 -26.04
N VAL A 197 9.10 -15.75 -25.73
CA VAL A 197 8.25 -14.95 -26.61
C VAL A 197 7.74 -13.74 -25.84
N PHE A 198 7.94 -12.56 -26.42
CA PHE A 198 7.47 -11.28 -25.91
C PHE A 198 6.55 -10.61 -26.93
N PRO A 199 5.48 -9.95 -26.48
CA PRO A 199 4.65 -9.19 -27.42
C PRO A 199 5.25 -7.81 -27.68
N LEU A 200 5.20 -7.39 -28.94
CA LEU A 200 5.73 -6.10 -29.34
C LEU A 200 4.72 -5.40 -30.26
N HIS A 201 4.94 -4.11 -30.45
CA HIS A 201 4.24 -3.31 -31.45
C HIS A 201 5.15 -2.17 -31.84
N GLY A 202 5.17 -1.83 -33.12
CA GLY A 202 6.14 -0.84 -33.59
C GLY A 202 5.83 -0.35 -34.99
N GLY A 203 6.72 0.51 -35.48
CA GLY A 203 6.56 1.15 -36.77
C GLY A 203 7.56 0.61 -37.79
N VAL A 204 7.03 0.16 -38.91
CA VAL A 204 7.84 -0.40 -39.99
C VAL A 204 7.35 0.19 -41.30
N ARG A 205 8.29 0.52 -42.18
CA ARG A 205 7.95 1.05 -43.48
C ARG A 205 7.23 0.00 -44.32
N PHE A 206 6.31 0.45 -45.17
CA PHE A 206 5.51 -0.47 -45.97
C PHE A 206 6.40 -1.41 -46.78
N SER A 207 7.42 -0.86 -47.45
CA SER A 207 8.32 -1.69 -48.23
C SER A 207 8.95 -2.78 -47.37
N GLU A 208 9.53 -2.39 -46.23
CA GLU A 208 10.21 -3.36 -45.37
C GLU A 208 9.23 -4.34 -44.72
N ALA A 209 8.00 -3.90 -44.45
CA ALA A 209 7.01 -4.80 -43.87
C ALA A 209 6.59 -5.88 -44.87
N SER A 210 6.39 -5.51 -46.13
CA SER A 210 6.02 -6.48 -47.14
C SER A 210 7.11 -7.54 -47.31
N LYS A 211 8.38 -7.13 -47.23
CA LYS A 211 9.46 -8.10 -47.25
C LYS A 211 9.34 -9.10 -46.12
N MET A 212 9.25 -8.60 -44.87
CA MET A 212 9.06 -9.49 -43.73
C MET A 212 7.85 -10.38 -43.92
N LEU A 213 6.77 -9.82 -44.43
CA LEU A 213 5.50 -10.54 -44.56
C LEU A 213 5.56 -11.55 -45.70
N VAL A 251 5.01 4.77 -42.99
CA VAL A 251 5.31 4.04 -41.76
C VAL A 251 4.06 3.43 -41.16
N LEU A 252 4.02 2.11 -41.15
CA LEU A 252 2.90 1.36 -40.59
C LEU A 252 3.16 0.98 -39.14
N VAL A 253 2.07 0.84 -38.38
CA VAL A 253 2.10 0.45 -36.98
C VAL A 253 1.51 -0.95 -36.88
N LEU A 254 2.35 -1.93 -36.55
CA LEU A 254 1.97 -3.34 -36.61
C LEU A 254 2.37 -4.03 -35.31
N ASP A 255 1.99 -5.31 -35.21
CA ASP A 255 2.21 -6.13 -34.03
C ASP A 255 3.27 -7.18 -34.32
N PHE A 256 4.24 -7.31 -33.42
CA PHE A 256 5.37 -8.20 -33.62
C PHE A 256 5.55 -9.10 -32.40
N LEU A 257 6.29 -10.18 -32.60
CA LEU A 257 6.74 -11.04 -31.53
C LEU A 257 8.26 -11.00 -31.49
N TYR A 258 8.82 -10.96 -30.29
CA TYR A 258 10.25 -11.13 -30.08
C TYR A 258 10.46 -12.57 -29.64
N VAL A 259 11.08 -13.37 -30.51
CA VAL A 259 11.22 -14.81 -30.30
C VAL A 259 12.68 -15.12 -30.09
N CYS A 260 13.01 -15.71 -28.94
CA CYS A 260 14.35 -16.17 -28.63
C CYS A 260 14.31 -17.65 -28.29
N THR A 261 15.42 -18.33 -28.54
CA THR A 261 15.58 -19.69 -28.06
C THR A 261 16.22 -19.64 -26.68
N LEU A 262 15.61 -20.34 -25.72
CA LEU A 262 16.10 -20.37 -24.36
C LEU A 262 16.87 -21.69 -24.17
N LEU A 263 18.10 -21.71 -24.68
CA LEU A 263 18.91 -22.92 -24.58
C LEU A 263 19.40 -23.14 -23.15
N ASP A 264 20.17 -22.19 -22.61
CA ASP A 264 20.70 -22.33 -21.26
C ASP A 264 20.16 -21.14 -20.45
N ASN A 265 21.04 -20.31 -19.91
CA ASN A 265 20.63 -19.15 -19.13
C ASN A 265 20.53 -17.89 -19.97
N ILE A 266 21.13 -17.89 -21.15
CA ILE A 266 21.19 -16.73 -22.04
C ILE A 266 20.30 -17.01 -23.23
N PRO A 267 19.46 -16.08 -23.65
CA PRO A 267 18.68 -16.29 -24.87
C PRO A 267 19.55 -16.18 -26.11
N GLY A 268 19.23 -17.00 -27.11
CA GLY A 268 19.96 -17.00 -28.35
C GLY A 268 19.01 -17.08 -29.53
N GLU A 269 19.55 -16.80 -30.72
CA GLU A 269 18.76 -16.83 -31.95
C GLU A 269 17.50 -15.98 -31.82
N CYS A 270 17.70 -14.72 -31.44
CA CYS A 270 16.58 -13.80 -31.23
C CYS A 270 16.27 -13.03 -32.49
N SER A 271 14.98 -12.96 -32.85
CA SER A 271 14.55 -12.19 -34.00
C SER A 271 13.19 -11.59 -33.71
N ILE A 272 12.82 -10.59 -34.51
CA ILE A 272 11.51 -9.95 -34.46
C ILE A 272 10.64 -10.58 -35.54
N GLN A 273 9.55 -11.21 -35.12
CA GLN A 273 8.61 -11.83 -36.05
C GLN A 273 7.40 -10.91 -36.20
N LEU A 274 7.00 -10.66 -37.44
CA LEU A 274 5.82 -9.85 -37.72
C LEU A 274 4.59 -10.74 -37.72
N ILE A 275 3.54 -10.28 -37.04
CA ILE A 275 2.28 -11.01 -36.98
C ILE A 275 1.45 -10.57 -38.18
N PRO A 276 0.85 -11.50 -38.92
CA PRO A 276 0.11 -11.12 -40.13
C PRO A 276 -1.06 -10.21 -39.79
N PRO A 277 -1.02 -8.94 -40.20
CA PRO A 277 -2.05 -7.98 -39.82
C PRO A 277 -3.35 -8.12 -40.59
N ASP A 278 -3.54 -9.24 -41.28
CA ASP A 278 -4.68 -9.38 -42.18
C ASP A 278 -6.00 -9.18 -41.46
N ASN A 279 -6.24 -9.92 -40.39
CA ASN A 279 -7.51 -9.85 -39.67
C ASN A 279 -7.42 -8.97 -38.43
N MET A 280 -6.42 -8.10 -38.35
CA MET A 280 -6.11 -7.37 -37.13
C MET A 280 -6.26 -5.87 -37.32
N THR A 281 -6.35 -5.18 -36.19
CA THR A 281 -6.31 -3.73 -36.17
C THR A 281 -4.87 -3.25 -36.10
N MET A 282 -4.69 -1.93 -36.17
CA MET A 282 -3.37 -1.34 -36.05
C MET A 282 -2.68 -1.80 -34.76
N GLY A 283 -1.37 -2.00 -34.84
CA GLY A 283 -0.59 -2.46 -33.70
C GLY A 283 -0.82 -1.63 -32.45
N SER A 284 -0.74 -2.26 -31.28
CA SER A 284 -1.07 -1.57 -30.04
C SER A 284 -0.47 -2.34 -28.87
N GLU A 285 -0.50 -1.71 -27.70
CA GLU A 285 -0.10 -2.37 -26.46
C GLU A 285 -0.84 -3.69 -26.34
N SER A 286 -0.14 -4.72 -25.87
CA SER A 286 -0.60 -6.09 -26.07
C SER A 286 -0.08 -6.99 -24.96
N LYS A 287 -0.61 -8.21 -24.94
CA LYS A 287 -0.26 -9.22 -23.96
C LYS A 287 -0.33 -10.60 -24.62
N LEU A 288 0.57 -11.49 -24.23
CA LEU A 288 0.58 -12.84 -24.76
C LEU A 288 -0.02 -13.80 -23.74
N TYR A 289 -0.67 -14.84 -24.25
CA TYR A 289 -1.17 -15.94 -23.44
C TYR A 289 -0.66 -17.25 -24.01
N LYS A 290 -0.59 -18.26 -23.15
CA LYS A 290 -0.30 -19.63 -23.55
C LYS A 290 -1.42 -20.51 -23.01
N LEU A 291 -2.25 -21.03 -23.91
CA LEU A 291 -3.39 -21.86 -23.52
C LEU A 291 -3.51 -23.03 -24.47
N ASN A 292 -3.56 -24.24 -23.90
CA ASN A 292 -3.66 -25.48 -24.68
C ASN A 292 -2.65 -25.49 -25.82
N ASN A 293 -1.39 -25.19 -25.48
CA ASN A 293 -0.29 -25.17 -26.44
C ASN A 293 -0.68 -24.37 -27.70
N SER A 294 -1.30 -23.21 -27.47
CA SER A 294 -1.61 -22.25 -28.51
C SER A 294 -1.37 -20.85 -27.95
N LEU A 295 -1.03 -19.92 -28.83
CA LEU A 295 -0.76 -18.55 -28.44
C LEU A 295 -1.97 -17.67 -28.73
N LEU A 296 -2.36 -16.87 -27.73
CA LEU A 296 -3.38 -15.85 -27.89
C LEU A 296 -2.73 -14.49 -27.65
N LEU A 297 -3.32 -13.46 -28.25
CA LEU A 297 -2.82 -12.10 -28.14
C LEU A 297 -3.96 -11.16 -27.80
N TYR A 298 -3.88 -10.48 -26.66
CA TYR A 298 -4.81 -9.40 -26.37
C TYR A 298 -4.21 -8.09 -26.87
N LYS A 299 -5.05 -7.25 -27.45
CA LYS A 299 -4.60 -5.98 -27.99
C LYS A 299 -5.49 -4.85 -27.48
N ARG A 300 -4.85 -3.79 -27.01
CA ARG A 300 -5.56 -2.53 -26.80
C ARG A 300 -6.16 -2.06 -28.12
N SER A 301 -7.46 -1.75 -28.10
CA SER A 301 -8.13 -1.31 -29.32
C SER A 301 -7.68 0.11 -29.65
N SER A 302 -6.97 0.27 -30.76
CA SER A 302 -6.47 1.56 -31.22
C SER A 302 -7.20 2.07 -32.45
N SER A 303 -8.35 1.48 -32.77
CA SER A 303 -9.06 1.75 -34.02
C SER A 303 -10.54 1.92 -33.70
N TRP A 304 -11.36 2.13 -34.74
CA TRP A 304 -12.78 2.27 -34.50
C TRP A 304 -13.41 0.97 -34.00
N TRP A 305 -12.72 -0.15 -34.11
CA TRP A 305 -13.24 -1.41 -33.62
C TRP A 305 -13.59 -1.28 -32.13
N PRO A 306 -14.85 -1.48 -31.74
CA PRO A 306 -15.27 -1.16 -30.37
C PRO A 306 -15.13 -2.28 -29.34
N TYR A 307 -14.84 -3.51 -29.77
CA TYR A 307 -14.90 -4.67 -28.89
C TYR A 307 -13.49 -5.10 -28.45
N THR A 308 -13.42 -5.70 -27.26
CA THR A 308 -12.18 -6.29 -26.78
C THR A 308 -11.61 -7.23 -27.84
N GLU A 309 -10.34 -7.03 -28.19
CA GLU A 309 -9.69 -7.76 -29.27
C GLU A 309 -8.79 -8.85 -28.70
N VAL A 310 -9.10 -10.10 -29.04
CA VAL A 310 -8.23 -11.22 -28.71
C VAL A 310 -8.03 -12.04 -29.98
N TYR A 311 -6.77 -12.27 -30.33
CA TYR A 311 -6.42 -13.00 -31.54
C TYR A 311 -5.83 -14.35 -31.18
N GLN A 312 -6.22 -15.37 -31.94
CA GLN A 312 -5.61 -16.69 -31.84
C GLN A 312 -4.45 -16.74 -32.84
N LEU A 313 -3.29 -17.15 -32.35
CA LEU A 313 -2.08 -17.20 -33.18
C LEU A 313 -1.72 -18.65 -33.48
N SER A 314 -1.56 -18.94 -34.77
CA SER A 314 -1.08 -20.24 -35.22
C SER A 314 0.32 -20.08 -35.79
N LEU A 315 1.25 -20.88 -35.29
CA LEU A 315 2.66 -20.78 -35.64
C LEU A 315 3.09 -22.02 -36.42
N ARG A 316 4.28 -21.92 -37.00
CA ARG A 316 4.93 -23.06 -37.65
C ARG A 316 6.34 -23.13 -37.08
N VAL A 317 6.54 -24.07 -36.18
CA VAL A 317 7.77 -24.20 -35.39
C VAL A 317 8.77 -25.08 -36.12
N SER A 318 10.05 -24.75 -35.93
CA SER A 318 11.16 -25.57 -36.40
C SER A 318 12.26 -25.49 -35.36
N LYS A 319 13.39 -26.13 -35.63
CA LYS A 319 14.52 -26.05 -34.71
C LYS A 319 15.11 -24.65 -34.79
N ASN A 320 15.00 -23.90 -33.69
CA ASN A 320 15.49 -22.52 -33.59
C ASN A 320 14.73 -21.56 -34.50
N SER A 321 13.51 -21.90 -34.92
CA SER A 321 12.73 -21.04 -35.81
C SER A 321 11.27 -21.09 -35.41
N MET A 322 10.69 -19.93 -35.12
CA MET A 322 9.26 -19.79 -34.87
C MET A 322 8.74 -18.58 -35.64
N LYS A 323 7.86 -18.82 -36.59
CA LYS A 323 7.24 -17.76 -37.39
C LYS A 323 5.73 -17.82 -37.26
N VAL A 324 5.09 -16.66 -37.39
CA VAL A 324 3.64 -16.56 -37.24
C VAL A 324 3.00 -16.74 -38.61
N ARG A 325 2.16 -17.78 -38.74
CA ARG A 325 1.51 -18.08 -40.00
C ARG A 325 0.24 -17.29 -40.22
N GLU A 326 -0.60 -17.17 -39.19
CA GLU A 326 -1.81 -16.37 -39.31
C GLU A 326 -2.32 -16.00 -37.92
N SER A 327 -3.20 -15.00 -37.89
CA SER A 327 -3.76 -14.48 -36.65
C SER A 327 -5.27 -14.37 -36.83
N VAL A 328 -6.03 -15.11 -36.02
CA VAL A 328 -7.47 -15.19 -36.14
C VAL A 328 -8.08 -14.39 -35.00
N ARG A 329 -8.93 -13.42 -35.34
CA ARG A 329 -9.58 -12.60 -34.33
C ARG A 329 -10.74 -13.36 -33.72
N LEU A 330 -10.70 -13.56 -32.40
CA LEU A 330 -11.86 -14.10 -31.71
C LEU A 330 -13.01 -13.10 -31.81
N ASN A 331 -14.21 -13.61 -32.04
CA ASN A 331 -15.40 -12.78 -32.21
C ASN A 331 -15.97 -12.50 -30.82
N ILE A 332 -15.39 -11.50 -30.15
CA ILE A 332 -15.80 -11.10 -28.81
C ILE A 332 -16.64 -9.85 -28.90
N THR A 333 -17.85 -9.92 -28.32
CA THR A 333 -18.76 -8.77 -28.25
C THR A 333 -19.29 -8.56 -26.83
N SER A 334 -18.79 -9.30 -25.84
CA SER A 334 -19.32 -9.19 -24.49
C SER A 334 -18.87 -7.91 -23.81
N THR A 335 -17.62 -7.50 -24.01
CA THR A 335 -17.08 -6.29 -23.41
C THR A 335 -16.58 -5.35 -24.49
N THR A 336 -16.63 -4.06 -24.20
CA THR A 336 -16.34 -3.02 -25.17
C THR A 336 -15.52 -1.92 -24.52
N ARG A 337 -14.93 -1.10 -25.35
CA ARG A 337 -14.22 0.10 -24.96
C ARG A 337 -15.16 1.30 -24.98
N PRO A 338 -14.95 2.29 -24.12
CA PRO A 338 -15.94 3.37 -24.00
C PRO A 338 -15.99 4.31 -25.20
N GLY A 339 -14.94 4.38 -26.01
CA GLY A 339 -14.97 5.23 -27.19
C GLY A 339 -16.10 4.88 -28.14
N VAL A 340 -16.87 5.89 -28.56
CA VAL A 340 -17.97 5.68 -29.49
C VAL A 340 -17.47 5.02 -30.77
N THR A 355 -9.31 7.53 -27.54
CA THR A 355 -8.75 6.26 -27.97
C THR A 355 -9.15 5.12 -27.04
N GLY A 356 -8.27 4.12 -26.91
CA GLY A 356 -8.56 2.95 -26.11
C GLY A 356 -7.76 2.91 -24.81
N VAL A 357 -8.06 1.88 -24.02
CA VAL A 357 -7.38 1.63 -22.76
C VAL A 357 -6.96 0.17 -22.72
N PHE A 358 -5.72 -0.08 -22.31
CA PHE A 358 -5.21 -1.43 -22.13
C PHE A 358 -5.91 -2.06 -20.92
N GLN A 359 -6.85 -2.98 -21.18
CA GLN A 359 -7.60 -3.66 -20.11
C GLN A 359 -7.62 -5.15 -20.43
N ALA A 360 -6.49 -5.82 -20.15
CA ALA A 360 -6.26 -7.17 -20.67
C ALA A 360 -6.98 -8.20 -19.81
N PRO A 361 -7.78 -9.08 -20.40
CA PRO A 361 -8.54 -10.05 -19.61
C PRO A 361 -7.68 -11.21 -19.12
N GLY A 362 -8.25 -11.95 -18.17
CA GLY A 362 -7.69 -13.20 -17.75
C GLY A 362 -8.48 -14.32 -18.39
N ILE A 363 -7.85 -15.08 -19.28
CA ILE A 363 -8.55 -16.07 -20.08
C ILE A 363 -8.56 -17.39 -19.31
N ILE A 364 -9.75 -17.85 -18.93
CA ILE A 364 -9.90 -19.06 -18.15
C ILE A 364 -9.97 -20.29 -19.03
N ARG A 365 -10.74 -20.20 -20.12
CA ARG A 365 -10.95 -21.31 -21.04
C ARG A 365 -10.90 -20.76 -22.45
N LYS A 366 -10.05 -21.34 -23.29
CA LYS A 366 -9.85 -20.86 -24.64
C LYS A 366 -10.99 -21.29 -25.55
N ALA A 367 -10.99 -20.76 -26.77
CA ALA A 367 -12.02 -21.13 -27.73
C ALA A 367 -11.67 -22.42 -28.45
N LEU A 368 -10.40 -22.61 -28.78
CA LEU A 368 -9.87 -23.79 -29.45
C LEU A 368 -10.21 -23.78 -30.94
N SER A 369 -11.13 -22.95 -31.40
CA SER A 369 -11.52 -22.88 -32.80
C SER A 369 -12.06 -21.51 -33.17
N GLU A 375 -17.81 -20.44 -28.41
CA GLU A 375 -18.84 -20.42 -27.37
C GLU A 375 -18.26 -20.88 -26.03
N ASP A 376 -17.14 -21.59 -26.09
CA ASP A 376 -16.47 -22.08 -24.89
C ASP A 376 -15.53 -21.06 -24.27
N LEU A 377 -15.22 -19.98 -24.98
CA LEU A 377 -14.35 -18.96 -24.43
C LEU A 377 -14.93 -18.38 -23.15
N LEU A 378 -14.14 -18.37 -22.08
CA LEU A 378 -14.53 -17.77 -20.82
C LEU A 378 -13.36 -16.95 -20.29
N PHE A 379 -13.62 -15.70 -19.92
CA PHE A 379 -12.55 -14.83 -19.46
C PHE A 379 -13.06 -13.89 -18.37
N PHE A 380 -12.11 -13.30 -17.66
CA PHE A 380 -12.34 -12.39 -16.54
C PHE A 380 -11.69 -11.06 -16.90
N GLN A 381 -12.39 -9.96 -16.67
CA GLN A 381 -11.86 -8.68 -17.12
C GLN A 381 -12.33 -7.52 -16.23
N ALA A 382 -11.40 -6.62 -15.94
CA ALA A 382 -11.68 -5.35 -15.29
C ALA A 382 -11.68 -4.27 -16.37
N TRP A 383 -12.86 -3.72 -16.67
CA TRP A 383 -13.00 -2.81 -17.80
C TRP A 383 -13.93 -1.67 -17.42
N THR A 384 -13.94 -0.64 -18.27
CA THR A 384 -14.78 0.53 -18.08
C THR A 384 -15.96 0.46 -19.04
N SER A 385 -17.18 0.46 -18.48
CA SER A 385 -18.41 0.37 -19.26
C SER A 385 -19.02 1.75 -19.43
N ASP A 386 -19.41 2.07 -20.66
CA ASP A 386 -20.10 3.31 -20.98
C ASP A 386 -21.54 3.06 -21.40
N SER A 387 -22.08 1.88 -21.10
CA SER A 387 -23.46 1.57 -21.42
C SER A 387 -24.41 2.51 -20.67
N ILE A 388 -25.66 2.53 -21.12
CA ILE A 388 -26.66 3.35 -20.46
C ILE A 388 -27.12 2.72 -19.15
N ALA A 389 -27.06 1.38 -19.06
CA ALA A 389 -27.45 0.70 -17.84
C ALA A 389 -26.33 0.65 -16.82
N ARG A 390 -25.08 0.60 -17.29
CA ARG A 390 -23.91 0.54 -16.41
C ARG A 390 -22.87 1.55 -16.88
N GLN A 391 -22.74 2.66 -16.14
CA GLN A 391 -21.66 3.61 -16.37
C GLN A 391 -20.66 3.50 -15.23
N GLY A 392 -19.44 3.07 -15.54
CA GLY A 392 -18.39 2.96 -14.55
C GLY A 392 -17.61 1.67 -14.66
N PRO A 393 -16.64 1.50 -13.75
CA PRO A 393 -15.77 0.32 -13.81
C PRO A 393 -16.51 -0.96 -13.41
N LEU A 394 -16.17 -2.05 -14.08
CA LEU A 394 -16.83 -3.34 -13.85
C LEU A 394 -15.79 -4.44 -13.70
N ILE A 395 -16.14 -5.44 -12.91
CA ILE A 395 -15.45 -6.73 -12.86
C ILE A 395 -16.41 -7.76 -13.44
N SER A 396 -15.99 -8.41 -14.53
CA SER A 396 -16.91 -9.27 -15.27
C SER A 396 -16.28 -10.64 -15.54
N LEU A 397 -17.12 -11.66 -15.47
CA LEU A 397 -16.84 -12.98 -16.01
C LEU A 397 -17.73 -13.17 -17.22
N CYS A 398 -17.12 -13.33 -18.39
CA CYS A 398 -17.84 -13.23 -19.64
C CYS A 398 -17.51 -14.37 -20.58
N ARG A 399 -18.51 -14.79 -21.36
CA ARG A 399 -18.28 -15.60 -22.53
C ARG A 399 -17.96 -14.68 -23.71
N ALA A 400 -17.71 -15.27 -24.87
CA ALA A 400 -17.34 -14.47 -26.04
C ALA A 400 -18.40 -13.41 -26.34
N ASP A 401 -19.67 -13.77 -26.22
CA ASP A 401 -20.76 -12.91 -26.65
C ASP A 401 -21.60 -12.36 -25.50
N SER A 402 -21.32 -12.73 -24.26
CA SER A 402 -22.13 -12.27 -23.14
C SER A 402 -21.36 -12.47 -21.84
N CYS A 403 -21.72 -11.66 -20.84
CA CYS A 403 -21.13 -11.75 -19.51
C CYS A 403 -22.11 -12.40 -18.54
N VAL A 404 -21.64 -13.44 -17.84
CA VAL A 404 -22.50 -14.18 -16.92
C VAL A 404 -22.49 -13.63 -15.50
N LEU A 405 -21.49 -12.81 -15.14
CA LEU A 405 -21.39 -12.24 -13.81
C LEU A 405 -20.68 -10.89 -13.90
N THR A 406 -21.18 -9.92 -13.14
CA THR A 406 -20.61 -8.58 -13.16
C THR A 406 -20.68 -7.95 -11.77
N ILE A 407 -19.57 -7.37 -11.34
CA ILE A 407 -19.44 -6.66 -10.07
C ILE A 407 -19.22 -5.19 -10.38
N PRO A 408 -20.18 -4.30 -10.08
CA PRO A 408 -19.93 -2.86 -10.25
C PRO A 408 -18.89 -2.38 -9.25
N LEU A 409 -17.88 -1.66 -9.74
CA LEU A 409 -16.85 -1.11 -8.87
C LEU A 409 -17.15 0.30 -8.41
N GLY A 410 -18.12 0.98 -8.99
CA GLY A 410 -18.50 2.30 -8.54
C GLY A 410 -19.04 3.14 -9.67
N ASN A 411 -19.37 4.38 -9.32
CA ASN A 411 -19.88 5.34 -10.29
C ASN A 411 -18.81 5.69 -11.32
N SER A 412 -19.24 6.45 -12.33
CA SER A 412 -18.35 6.85 -13.41
C SER A 412 -17.16 7.66 -12.92
N ASP A 413 -17.24 8.26 -11.72
CA ASP A 413 -16.12 9.01 -11.16
C ASP A 413 -15.04 8.11 -10.56
N VAL A 414 -15.30 6.83 -10.41
CA VAL A 414 -14.28 5.89 -9.93
C VAL A 414 -13.38 5.58 -11.13
N PHE A 415 -12.16 6.09 -11.11
CA PHE A 415 -11.26 5.90 -12.24
C PHE A 415 -10.44 4.64 -12.06
N ILE A 416 -10.43 3.80 -13.09
CA ILE A 416 -9.41 2.76 -13.24
C ILE A 416 -8.76 2.97 -14.61
N GLY A 417 -7.44 2.83 -14.66
CA GLY A 417 -6.71 3.00 -15.90
C GLY A 417 -6.41 1.68 -16.58
N TYR A 418 -5.14 1.43 -16.87
CA TYR A 418 -4.75 0.12 -17.37
C TYR A 418 -5.11 -0.98 -16.38
N THR A 419 -5.49 -2.13 -16.90
CA THR A 419 -5.85 -3.26 -16.07
C THR A 419 -5.29 -4.52 -16.71
N ASP A 420 -4.95 -5.49 -15.86
CA ASP A 420 -4.50 -6.80 -16.30
C ASP A 420 -4.97 -7.81 -15.26
N SER A 421 -5.53 -8.92 -15.74
CA SER A 421 -6.07 -9.95 -14.87
C SER A 421 -5.51 -11.31 -15.27
N PHE A 422 -5.57 -12.23 -14.32
CA PHE A 422 -5.17 -13.61 -14.54
C PHE A 422 -5.88 -14.45 -13.50
N CYS A 423 -6.22 -15.68 -13.88
CA CYS A 423 -6.98 -16.57 -13.02
C CYS A 423 -6.15 -17.81 -12.75
N LEU A 424 -6.24 -18.29 -11.51
CA LEU A 424 -5.55 -19.50 -11.07
C LEU A 424 -6.57 -20.59 -10.84
N SER A 425 -6.36 -21.73 -11.48
CA SER A 425 -7.31 -22.83 -11.42
C SER A 425 -7.00 -23.71 -10.23
N ASP A 426 -8.07 -24.25 -9.63
CA ASP A 426 -7.99 -25.20 -8.53
C ASP A 426 -8.26 -26.58 -9.11
N ARG A 427 -7.31 -27.50 -8.93
CA ARG A 427 -7.44 -28.82 -9.53
C ARG A 427 -8.83 -29.38 -9.26
N ASP A 428 -9.24 -29.40 -7.99
CA ASP A 428 -10.66 -29.61 -7.69
C ASP A 428 -11.47 -28.57 -8.45
N ASN A 429 -12.30 -29.02 -9.40
CA ASN A 429 -13.01 -28.07 -10.24
C ASN A 429 -14.07 -27.29 -9.46
N GLU A 430 -14.55 -26.23 -10.11
CA GLU A 430 -15.65 -25.38 -9.65
C GLU A 430 -15.20 -24.43 -8.56
N LYS A 431 -13.95 -24.01 -8.63
CA LYS A 431 -13.40 -22.97 -7.76
C LYS A 431 -12.39 -22.22 -8.61
N ILE A 432 -12.60 -20.93 -8.84
CA ILE A 432 -11.69 -20.13 -9.65
C ILE A 432 -11.34 -18.85 -8.93
N TYR A 433 -10.04 -18.56 -8.86
CA TYR A 433 -9.55 -17.30 -8.33
C TYR A 433 -9.01 -16.47 -9.49
N CYS A 434 -9.39 -15.20 -9.55
CA CYS A 434 -8.86 -14.28 -10.53
C CYS A 434 -8.30 -13.06 -9.80
N VAL A 435 -7.14 -12.59 -10.23
CA VAL A 435 -6.51 -11.40 -9.67
C VAL A 435 -6.63 -10.27 -10.68
N ALA A 436 -7.02 -9.10 -10.21
CA ALA A 436 -7.13 -7.92 -11.06
C ALA A 436 -6.06 -6.93 -10.67
N LEU A 437 -5.19 -6.60 -11.62
CA LEU A 437 -4.19 -5.55 -11.44
C LEU A 437 -4.76 -4.24 -11.98
N LEU A 438 -4.92 -3.25 -11.10
CA LEU A 438 -5.59 -2.01 -11.45
C LEU A 438 -4.68 -0.81 -11.26
N GLU A 439 -4.56 -0.01 -12.32
CA GLU A 439 -4.09 1.36 -12.17
C GLU A 439 -5.18 2.19 -11.51
N LEU A 440 -4.81 2.90 -10.45
CA LEU A 440 -5.76 3.73 -9.71
C LEU A 440 -5.27 5.17 -9.67
N ASP A 441 -6.22 6.09 -9.79
CA ASP A 441 -5.93 7.51 -9.65
C ASP A 441 -5.38 7.79 -8.25
N ASN A 442 -4.28 8.54 -8.19
CA ASN A 442 -3.62 8.84 -6.93
C ASN A 442 -3.48 10.34 -6.68
N MET A 443 -4.17 11.17 -7.45
CA MET A 443 -4.05 12.61 -7.24
C MET A 443 -4.70 13.02 -5.92
N PRO A 444 -4.21 14.08 -5.27
CA PRO A 444 -3.10 14.93 -5.73
C PRO A 444 -1.71 14.50 -5.27
N TYR A 445 -1.59 13.27 -4.77
CA TYR A 445 -0.29 12.79 -4.32
C TYR A 445 0.63 12.51 -5.51
N SER A 446 0.10 11.82 -6.53
CA SER A 446 0.82 11.57 -7.77
C SER A 446 -0.22 11.11 -8.78
N GLU A 447 0.22 10.93 -10.04
CA GLU A 447 -0.73 10.58 -11.08
C GLU A 447 -1.43 9.27 -10.78
N MET A 448 -0.67 8.21 -10.54
CA MET A 448 -1.25 6.88 -10.54
C MET A 448 -0.57 6.01 -9.48
N THR A 449 -1.27 4.92 -9.15
CA THR A 449 -0.73 3.86 -8.33
C THR A 449 -1.43 2.58 -8.76
N ILE A 450 -0.77 1.45 -8.55
CA ILE A 450 -1.30 0.14 -8.92
C ILE A 450 -1.57 -0.64 -7.65
N ARG A 451 -2.70 -1.35 -7.63
CA ARG A 451 -3.01 -2.31 -6.57
C ARG A 451 -3.61 -3.56 -7.20
N SER A 452 -3.53 -4.67 -6.48
CA SER A 452 -4.14 -5.91 -6.93
C SER A 452 -5.30 -6.29 -6.02
N PHE A 453 -6.21 -7.08 -6.57
CA PHE A 453 -7.44 -7.47 -5.90
C PHE A 453 -7.77 -8.91 -6.28
N LEU A 454 -8.47 -9.61 -5.40
CA LEU A 454 -8.68 -11.05 -5.51
C LEU A 454 -10.17 -11.35 -5.56
N TYR A 455 -10.57 -12.19 -6.50
CA TYR A 455 -11.97 -12.56 -6.68
C TYR A 455 -12.10 -14.06 -6.74
N LEU A 456 -13.13 -14.58 -6.08
CA LEU A 456 -13.45 -16.00 -6.07
C LEU A 456 -14.69 -16.24 -6.92
N ILE A 457 -14.59 -17.19 -7.84
CA ILE A 457 -15.72 -17.62 -8.65
C ILE A 457 -15.95 -19.10 -8.34
N LYS A 458 -17.12 -19.41 -7.81
CA LYS A 458 -17.46 -20.78 -7.47
C LYS A 458 -18.71 -21.18 -8.21
N PRO B 32 23.10 15.94 18.47
CA PRO B 32 23.58 16.82 17.40
C PRO B 32 22.71 16.78 16.15
N SER B 33 22.93 17.70 15.23
CA SER B 33 22.15 17.75 14.00
C SER B 33 22.76 18.77 13.05
N ARG B 34 22.44 18.62 11.77
CA ARG B 34 22.82 19.58 10.74
C ARG B 34 21.61 19.80 9.83
N ASN B 35 21.79 20.66 8.82
CA ASN B 35 20.68 21.04 7.94
C ASN B 35 20.65 20.12 6.72
N SER B 36 20.08 18.93 6.92
CA SER B 36 19.92 17.97 5.83
C SER B 36 18.87 16.94 6.22
N ILE B 37 17.81 16.86 5.41
CA ILE B 37 16.77 15.84 5.57
C ILE B 37 16.30 15.41 4.19
N SER B 38 16.15 14.10 3.98
CA SER B 38 15.74 13.61 2.67
C SER B 38 14.91 12.34 2.84
N GLU B 39 14.07 12.10 1.84
CA GLU B 39 13.18 10.95 1.81
C GLU B 39 13.86 9.75 1.19
N LEU B 40 13.43 8.55 1.58
CA LEU B 40 13.98 7.31 1.07
C LEU B 40 12.86 6.43 0.53
N LYS B 41 13.15 5.69 -0.53
CA LYS B 41 12.19 4.74 -1.06
C LYS B 41 11.87 3.68 -0.01
N VAL B 42 10.58 3.45 0.22
CA VAL B 42 10.15 2.33 1.05
C VAL B 42 9.72 1.21 0.11
N PRO B 43 10.62 0.29 -0.26
CA PRO B 43 10.22 -0.76 -1.19
C PRO B 43 9.09 -1.62 -0.66
N ARG B 44 9.13 -1.97 0.62
CA ARG B 44 8.10 -2.81 1.23
C ARG B 44 7.54 -2.08 2.44
N ASP B 45 6.34 -1.56 2.30
CA ASP B 45 5.68 -0.86 3.39
C ASP B 45 5.17 -1.88 4.42
N PHE B 46 5.59 -1.73 5.67
CA PHE B 46 5.05 -2.62 6.69
C PHE B 46 3.59 -2.35 7.00
N VAL B 47 3.05 -1.20 6.57
CA VAL B 47 1.63 -0.90 6.76
C VAL B 47 0.82 -1.64 5.70
N PRO B 48 -0.01 -2.61 6.08
CA PRO B 48 -0.82 -3.30 5.07
C PRO B 48 -1.88 -2.39 4.50
N SER B 49 -2.24 -2.64 3.24
CA SER B 49 -3.29 -1.87 2.60
C SER B 49 -4.64 -2.38 3.08
N PRO B 50 -5.71 -1.63 2.83
CA PRO B 50 -7.03 -2.05 3.31
C PRO B 50 -7.42 -3.45 2.89
N GLY B 51 -6.89 -3.95 1.77
CA GLY B 51 -7.11 -5.33 1.37
C GLY B 51 -8.32 -5.60 0.51
N THR B 52 -9.15 -4.60 0.25
CA THR B 52 -10.22 -4.74 -0.72
C THR B 52 -10.40 -3.41 -1.44
N PHE B 53 -11.16 -3.45 -2.52
CA PHE B 53 -11.30 -2.27 -3.37
C PHE B 53 -11.85 -1.08 -2.58
N HIS B 54 -12.96 -1.27 -1.89
CA HIS B 54 -13.59 -0.17 -1.17
C HIS B 54 -13.16 -0.06 0.30
N GLY B 55 -12.16 -0.85 0.71
CA GLY B 55 -11.73 -0.79 2.09
C GLY B 55 -11.05 0.52 2.44
N CYS B 56 -11.27 0.97 3.67
CA CYS B 56 -10.54 2.09 4.24
C CYS B 56 -9.81 1.64 5.50
N SER B 57 -8.67 2.27 5.77
CA SER B 57 -7.94 2.05 7.00
C SER B 57 -7.67 3.40 7.64
N ARG B 58 -7.87 3.46 8.96
CA ARG B 58 -7.67 4.70 9.71
C ARG B 58 -7.01 4.38 11.04
N PHE B 59 -6.53 5.44 11.69
CA PHE B 59 -6.10 5.40 13.10
C PHE B 59 -4.84 4.57 13.28
N PRO B 60 -3.73 4.98 12.66
CA PRO B 60 -2.47 4.28 12.89
C PRO B 60 -2.09 4.27 14.36
N SER B 61 -1.60 3.12 14.82
CA SER B 61 -1.08 2.97 16.18
C SER B 61 0.21 2.16 16.11
N TYR B 62 1.27 2.68 16.70
CA TYR B 62 2.60 2.09 16.59
C TYR B 62 3.28 2.05 17.95
N SER B 63 4.13 1.03 18.13
CA SER B 63 4.93 0.91 19.35
C SER B 63 6.12 0.01 19.05
N ASN B 64 7.31 0.41 19.48
CA ASN B 64 8.47 -0.45 19.38
C ASN B 64 9.17 -0.53 20.73
N HIS B 65 9.83 -1.66 20.94
CA HIS B 65 10.57 -1.93 22.18
C HIS B 65 11.91 -2.51 21.76
N TYR B 66 12.97 -1.69 21.81
CA TYR B 66 14.28 -2.07 21.29
C TYR B 66 14.12 -2.41 19.82
N GLY B 67 14.41 -3.63 19.38
CA GLY B 67 14.25 -3.99 18.00
C GLY B 67 12.89 -4.55 17.62
N LEU B 68 11.97 -4.64 18.56
CA LEU B 68 10.64 -5.18 18.31
C LEU B 68 9.65 -4.05 18.09
N TRP B 69 8.71 -4.25 17.17
CA TRP B 69 7.73 -3.22 16.89
C TRP B 69 6.35 -3.86 16.79
N CYS B 70 5.34 -3.02 16.92
CA CYS B 70 3.94 -3.42 16.78
C CYS B 70 3.20 -2.29 16.09
N TYR B 71 2.40 -2.66 15.09
CA TYR B 71 1.60 -1.70 14.34
C TYR B 71 0.17 -2.22 14.24
N SER B 72 -0.79 -1.30 14.22
CA SER B 72 -2.21 -1.64 14.20
C SER B 72 -3.01 -0.50 13.59
N HIS B 73 -4.08 -0.86 12.88
CA HIS B 73 -5.02 0.16 12.44
C HIS B 73 -6.40 -0.47 12.27
N THR B 74 -7.37 0.39 11.98
CA THR B 74 -8.78 0.03 11.90
C THR B 74 -9.21 -0.02 10.45
N VAL B 75 -9.92 -1.09 10.07
CA VAL B 75 -10.29 -1.35 8.69
C VAL B 75 -11.81 -1.50 8.60
N SER B 76 -12.41 -0.74 7.70
CA SER B 76 -13.83 -0.84 7.42
C SER B 76 -14.04 -0.82 5.92
N ASN B 77 -15.30 -0.83 5.51
CA ASN B 77 -15.67 -0.84 4.10
C ASN B 77 -16.34 0.48 3.73
N ASP B 78 -15.83 1.12 2.68
CA ASP B 78 -16.39 2.37 2.16
C ASP B 78 -16.02 3.56 3.03
N THR B 79 -16.45 3.56 4.29
CA THR B 79 -16.19 4.68 5.20
C THR B 79 -15.76 4.16 6.57
N CYS B 80 -14.82 4.87 7.19
CA CYS B 80 -14.28 4.50 8.49
C CYS B 80 -14.72 5.47 9.58
N ASP B 81 -16.03 5.74 9.69
CA ASP B 81 -16.54 6.71 10.65
C ASP B 81 -17.45 6.10 11.70
N GLY B 82 -17.65 4.78 11.69
CA GLY B 82 -18.53 4.12 12.61
C GLY B 82 -19.85 3.69 12.00
N SER B 83 -20.18 4.22 10.82
CA SER B 83 -21.42 3.88 10.13
C SER B 83 -21.38 2.49 9.50
N ASN B 84 -20.21 1.85 9.47
CA ASN B 84 -20.08 0.48 9.01
C ASN B 84 -19.29 -0.33 10.02
N PRO B 85 -19.57 -1.62 10.13
CA PRO B 85 -18.75 -2.48 10.98
C PRO B 85 -17.29 -2.40 10.54
N SER B 86 -16.38 -2.68 11.47
CA SER B 86 -14.96 -2.62 11.20
C SER B 86 -14.26 -3.79 11.89
N VAL B 87 -13.01 -4.00 11.49
CA VAL B 87 -12.10 -4.94 12.13
C VAL B 87 -10.83 -4.18 12.50
N GLN B 88 -9.96 -4.82 13.24
CA GLN B 88 -8.68 -4.23 13.62
C GLN B 88 -7.55 -5.12 13.13
N ILE B 89 -6.55 -4.50 12.50
CA ILE B 89 -5.38 -5.21 11.99
C ILE B 89 -4.24 -4.98 12.97
N LEU B 90 -3.51 -6.05 13.28
CA LEU B 90 -2.45 -6.01 14.29
C LEU B 90 -1.23 -6.75 13.76
N SER B 91 -0.09 -6.07 13.69
CA SER B 91 1.14 -6.64 13.18
C SER B 91 2.26 -6.51 14.20
N VAL B 92 3.09 -7.55 14.31
CA VAL B 92 4.33 -7.50 15.07
C VAL B 92 5.48 -7.91 14.16
N GLY B 93 6.64 -7.33 14.40
CA GLY B 93 7.83 -7.68 13.65
C GLY B 93 9.09 -7.21 14.35
N LYS B 94 10.18 -7.21 13.59
CA LYS B 94 11.48 -6.82 14.11
C LYS B 94 12.16 -5.89 13.12
N LEU B 95 13.13 -5.12 13.62
CA LEU B 95 13.91 -4.22 12.79
C LEU B 95 15.14 -4.95 12.28
N ILE B 96 15.39 -4.86 10.98
CA ILE B 96 16.61 -5.35 10.38
C ILE B 96 17.29 -4.18 9.68
N THR B 97 18.55 -4.37 9.33
CA THR B 97 19.32 -3.34 8.63
C THR B 97 19.22 -3.64 7.14
N GLY B 98 18.27 -2.99 6.48
CA GLY B 98 18.02 -3.25 5.08
C GLY B 98 19.09 -2.70 4.17
N ASP B 99 18.75 -2.53 2.89
CA ASP B 99 19.70 -2.04 1.92
C ASP B 99 20.22 -0.67 2.34
N ASN B 100 21.52 -0.44 2.11
CA ASN B 100 22.19 0.83 2.34
C ASN B 100 22.32 1.16 3.82
N GLY B 101 22.03 0.22 4.71
CA GLY B 101 22.17 0.47 6.14
C GLY B 101 20.99 1.14 6.78
N GLN B 102 19.91 1.35 6.06
CA GLN B 102 18.72 1.96 6.63
C GLN B 102 17.89 0.90 7.35
N PRO B 103 17.15 1.29 8.38
CA PRO B 103 16.32 0.31 9.09
C PRO B 103 15.15 -0.14 8.23
N GLU B 104 14.77 -1.39 8.41
CA GLU B 104 13.64 -1.94 7.68
C GLU B 104 12.75 -2.70 8.64
N HIS B 105 11.43 -2.60 8.44
CA HIS B 105 10.45 -3.24 9.31
C HIS B 105 10.08 -4.60 8.71
N LYS B 106 10.56 -5.66 9.34
CA LYS B 106 10.23 -7.02 8.91
C LYS B 106 9.04 -7.52 9.72
N THR B 107 7.94 -7.78 9.03
CA THR B 107 6.74 -8.31 9.66
C THR B 107 6.91 -9.80 9.96
N LEU B 108 6.63 -10.18 11.20
CA LEU B 108 6.65 -11.58 11.59
C LEU B 108 5.26 -12.20 11.57
N TYR B 109 4.26 -11.50 12.12
CA TYR B 109 2.92 -12.04 12.21
C TYR B 109 1.91 -10.89 12.12
N THR B 110 0.74 -11.21 11.59
CA THR B 110 -0.36 -10.27 11.49
C THR B 110 -1.63 -10.96 11.96
N GLN B 111 -2.48 -10.21 12.67
CA GLN B 111 -3.71 -10.76 13.20
C GLN B 111 -4.85 -9.78 12.95
N GLN B 112 -5.99 -10.31 12.52
CA GLN B 112 -7.23 -9.54 12.36
C GLN B 112 -8.18 -9.90 13.49
N LEU B 113 -8.60 -8.90 14.26
CA LEU B 113 -9.59 -9.17 15.30
C LEU B 113 -10.98 -9.28 14.70
N SER B 114 -11.87 -9.87 15.49
CA SER B 114 -13.26 -10.06 15.08
C SER B 114 -13.92 -8.72 14.75
N GLN B 115 -14.94 -8.79 13.91
CA GLN B 115 -15.67 -7.60 13.50
C GLN B 115 -16.45 -7.01 14.67
N THR B 116 -16.54 -5.69 14.71
CA THR B 116 -17.32 -4.96 15.69
C THR B 116 -18.34 -4.07 14.98
N ASP B 117 -19.43 -3.76 15.69
CA ASP B 117 -20.55 -3.08 15.07
C ASP B 117 -20.16 -1.73 14.47
N ARG B 118 -19.33 -0.97 15.18
CA ARG B 118 -18.91 0.33 14.68
C ARG B 118 -17.39 0.36 14.56
N LEU B 119 -16.74 1.36 15.15
CA LEU B 119 -15.29 1.46 15.05
C LEU B 119 -14.59 0.72 16.19
N TYR B 120 -13.34 0.34 15.94
CA TYR B 120 -12.39 0.01 16.99
C TYR B 120 -11.65 1.26 17.41
N HIS B 121 -11.38 1.39 18.72
CA HIS B 121 -10.47 2.41 19.22
C HIS B 121 -9.40 1.71 20.04
N CYS B 122 -8.18 1.69 19.51
CA CYS B 122 -7.17 0.77 20.00
C CYS B 122 -5.86 1.48 20.31
N SER B 123 -5.14 0.91 21.25
CA SER B 123 -3.78 1.33 21.59
C SER B 123 -2.92 0.07 21.72
N VAL B 124 -1.72 0.11 21.15
CA VAL B 124 -0.84 -1.05 21.18
C VAL B 124 0.40 -0.68 21.99
N THR B 125 0.99 -1.68 22.62
CA THR B 125 2.20 -1.53 23.41
C THR B 125 3.07 -2.74 23.12
N MET B 126 4.26 -2.52 22.56
CA MET B 126 5.15 -3.62 22.26
C MET B 126 5.96 -4.00 23.50
N THR B 127 6.09 -5.29 23.75
CA THR B 127 6.88 -5.82 24.86
C THR B 127 7.79 -6.92 24.35
N THR B 128 8.58 -7.49 25.28
CA THR B 128 9.43 -8.61 24.92
C THR B 128 8.61 -9.87 24.67
N LEU B 129 7.43 -9.99 25.28
CA LEU B 129 6.56 -11.14 25.03
C LEU B 129 5.76 -10.99 23.74
N GLY B 130 5.57 -9.78 23.26
CA GLY B 130 4.75 -9.52 22.11
C GLY B 130 3.99 -8.23 22.29
N CYS B 131 2.97 -8.04 21.47
CA CYS B 131 2.21 -6.80 21.46
C CYS B 131 0.91 -6.96 22.21
N TYR B 132 0.65 -6.03 23.12
CA TYR B 132 -0.63 -5.93 23.81
C TYR B 132 -1.44 -4.83 23.17
N ILE B 133 -2.72 -5.10 22.96
CA ILE B 133 -3.64 -4.16 22.34
C ILE B 133 -4.81 -3.94 23.29
N LEU B 134 -5.15 -2.67 23.52
CA LEU B 134 -6.29 -2.27 24.32
C LEU B 134 -7.27 -1.54 23.43
N CYS B 135 -8.52 -2.00 23.40
CA CYS B 135 -9.50 -1.45 22.47
C CYS B 135 -10.83 -1.18 23.16
N SER B 136 -11.54 -0.18 22.64
CA SER B 136 -12.94 0.05 22.90
C SER B 136 -13.75 -0.39 21.68
N LYS B 137 -14.87 -1.06 21.92
CA LYS B 137 -15.76 -1.52 20.85
C LYS B 137 -17.11 -0.83 21.00
N PRO B 138 -17.17 0.49 20.75
CA PRO B 138 -18.41 1.23 21.01
C PRO B 138 -19.57 0.74 20.16
N ARG B 139 -20.73 0.63 20.78
CA ARG B 139 -21.96 0.25 20.10
C ARG B 139 -22.78 1.44 19.66
N VAL B 140 -22.40 2.65 20.11
CA VAL B 140 -23.13 3.87 19.87
C VAL B 140 -22.11 4.94 19.50
N ASN B 141 -22.60 6.08 19.01
CA ASN B 141 -21.67 7.12 18.64
C ASN B 141 -21.13 7.82 19.89
N GLU B 142 -20.11 8.64 19.69
CA GLU B 142 -19.39 9.24 20.82
C GLU B 142 -20.30 10.14 21.64
N THR B 143 -21.16 10.92 20.98
CA THR B 143 -22.04 11.82 21.71
C THR B 143 -23.01 11.03 22.59
N GLN B 144 -23.59 9.95 22.05
CA GLN B 144 -24.51 9.13 22.82
C GLN B 144 -23.80 8.40 23.96
N ASP B 145 -22.53 8.07 23.77
CA ASP B 145 -21.77 7.35 24.79
C ASP B 145 -21.51 8.22 26.00
N TYR B 146 -21.11 9.48 25.77
CA TYR B 146 -20.83 10.40 26.86
C TYR B 146 -22.08 10.81 27.63
N GLU B 147 -23.26 10.56 27.08
CA GLU B 147 -24.51 10.86 27.78
C GLU B 147 -25.01 9.72 28.65
N THR B 148 -24.41 8.54 28.55
CA THR B 148 -24.87 7.35 29.25
C THR B 148 -23.78 6.87 30.20
N ILE B 149 -24.14 6.71 31.47
CA ILE B 149 -23.18 6.22 32.45
C ILE B 149 -22.75 4.81 32.09
N GLY B 150 -21.46 4.53 32.26
CA GLY B 150 -20.92 3.25 31.86
C GLY B 150 -20.11 3.33 30.59
N ILE B 151 -19.01 2.60 30.52
CA ILE B 151 -18.15 2.63 29.35
C ILE B 151 -18.57 1.53 28.38
N GLU B 152 -18.38 1.80 27.10
CA GLU B 152 -18.67 0.82 26.07
C GLU B 152 -17.73 -0.38 26.22
N PRO B 153 -18.10 -1.53 25.64
CA PRO B 153 -17.29 -2.74 25.86
C PRO B 153 -15.84 -2.55 25.42
N MET B 154 -14.96 -3.23 26.12
CA MET B 154 -13.54 -3.16 25.86
C MET B 154 -12.96 -4.56 25.87
N ILE B 155 -11.82 -4.70 25.19
CA ILE B 155 -11.07 -5.94 25.15
C ILE B 155 -9.60 -5.62 25.36
N ILE B 156 -8.86 -6.61 25.84
CA ILE B 156 -7.40 -6.53 25.84
C ILE B 156 -6.89 -7.89 25.36
N GLY B 157 -5.95 -7.87 24.42
CA GLY B 157 -5.40 -9.09 23.88
C GLY B 157 -3.90 -8.94 23.68
N MET B 158 -3.28 -10.02 23.20
CA MET B 158 -1.85 -10.01 22.96
C MET B 158 -1.53 -10.85 21.74
N LEU B 159 -0.72 -10.27 20.84
CA LEU B 159 -0.11 -11.00 19.74
C LEU B 159 1.33 -11.29 20.13
N GLY B 160 1.65 -12.57 20.32
CA GLY B 160 2.98 -12.93 20.78
C GLY B 160 4.00 -12.99 19.66
N LEU B 161 5.27 -12.93 20.06
CA LEU B 161 6.36 -13.15 19.11
C LEU B 161 6.33 -14.54 18.52
N ASP B 162 5.54 -15.45 19.09
CA ASP B 162 5.33 -16.77 18.52
C ASP B 162 4.10 -16.83 17.62
N GLY B 163 3.54 -15.68 17.27
CA GLY B 163 2.41 -15.59 16.36
C GLY B 163 1.06 -15.97 16.96
N VAL B 164 1.00 -16.27 18.25
CA VAL B 164 -0.26 -16.64 18.89
C VAL B 164 -0.96 -15.38 19.35
N TYR B 165 -2.24 -15.25 19.01
CA TYR B 165 -3.07 -14.17 19.54
C TYR B 165 -3.89 -14.70 20.71
N THR B 166 -3.79 -14.04 21.85
CA THR B 166 -4.50 -14.42 23.07
C THR B 166 -5.49 -13.32 23.42
N ASP B 167 -6.75 -13.69 23.55
CA ASP B 167 -7.79 -12.76 23.99
C ASP B 167 -7.84 -12.77 25.51
N LEU B 168 -7.35 -11.70 26.13
CA LEU B 168 -7.30 -11.61 27.59
C LEU B 168 -8.62 -11.14 28.20
N GLY B 169 -9.69 -11.02 27.42
CA GLY B 169 -11.00 -10.74 27.96
C GLY B 169 -11.25 -9.27 28.27
N ASN B 170 -12.22 -9.04 29.13
CA ASN B 170 -12.56 -7.69 29.55
C ASN B 170 -11.47 -7.14 30.45
N PRO B 171 -10.90 -5.98 30.13
CA PRO B 171 -9.84 -5.41 31.00
C PRO B 171 -10.35 -5.22 32.42
N VAL B 172 -9.65 -5.85 33.36
CA VAL B 172 -10.04 -5.76 34.77
C VAL B 172 -9.58 -4.42 35.33
N GLY B 173 -10.41 -3.83 36.17
CA GLY B 173 -10.10 -2.58 36.83
C GLY B 173 -10.88 -1.38 36.35
N ILE B 174 -12.01 -1.58 35.69
CA ILE B 174 -12.83 -0.50 35.15
C ILE B 174 -14.15 -0.49 35.91
N SER B 175 -14.45 0.62 36.57
CA SER B 175 -15.64 0.74 37.40
C SER B 175 -16.82 1.24 36.59
N ASP B 176 -17.97 0.59 36.77
CA ASP B 176 -19.16 0.92 35.99
C ASP B 176 -19.74 2.26 36.41
N ASN B 177 -20.17 2.37 37.67
CA ASN B 177 -20.98 3.50 38.11
C ASN B 177 -20.25 4.83 37.97
N SER B 178 -18.93 4.83 38.00
CA SER B 178 -18.19 6.09 38.02
C SER B 178 -18.05 6.72 36.63
N LEU B 179 -17.87 5.91 35.58
CA LEU B 179 -17.38 6.40 34.29
C LEU B 179 -18.46 6.39 33.22
N TYR B 180 -18.47 7.43 32.39
CA TYR B 180 -19.43 7.56 31.29
C TYR B 180 -18.88 7.09 29.95
N ALA B 181 -17.56 7.14 29.75
CA ALA B 181 -16.93 6.77 28.50
C ALA B 181 -15.42 6.64 28.73
N MET B 182 -14.79 5.78 27.93
CA MET B 182 -13.35 5.55 28.05
C MET B 182 -12.83 5.00 26.72
N TYR B 183 -11.87 5.69 26.12
CA TYR B 183 -11.31 5.34 24.82
C TYR B 183 -9.79 5.37 24.87
N PRO B 184 -9.11 4.29 24.47
CA PRO B 184 -7.65 4.31 24.44
C PRO B 184 -7.09 4.84 23.13
N GLY B 185 -5.89 5.39 23.21
CA GLY B 185 -5.15 5.79 22.03
C GLY B 185 -5.69 7.01 21.32
N PRO B 186 -5.53 7.04 19.98
CA PRO B 186 -4.97 5.97 19.16
C PRO B 186 -3.47 5.78 19.30
N GLY B 187 -2.76 6.74 19.90
CA GLY B 187 -1.35 6.57 20.13
C GLY B 187 -1.05 5.33 20.94
N GLY B 188 0.19 4.85 20.82
CA GLY B 188 0.57 3.65 21.50
C GLY B 188 0.97 3.89 22.94
N GLY B 189 1.01 2.80 23.71
CA GLY B 189 1.49 2.84 25.07
C GLY B 189 2.96 2.49 25.18
N VAL B 190 3.43 2.41 26.42
CA VAL B 190 4.84 2.15 26.68
C VAL B 190 4.96 1.11 27.77
N MET B 191 6.15 0.56 27.88
CA MET B 191 6.52 -0.30 28.99
C MET B 191 7.36 0.56 29.92
N TYR B 192 6.84 0.83 31.11
CA TYR B 192 7.52 1.67 32.09
C TYR B 192 7.89 0.77 33.25
N LYS B 193 9.19 0.52 33.40
CA LYS B 193 9.65 -0.41 34.42
C LYS B 193 8.91 -1.73 34.21
N ASP B 194 8.16 -2.19 35.21
CA ASP B 194 7.43 -3.44 35.07
C ASP B 194 5.93 -3.21 34.85
N PHE B 195 5.55 -1.98 34.52
CA PHE B 195 4.15 -1.63 34.32
C PHE B 195 3.84 -1.49 32.84
N LEU B 196 2.68 -2.03 32.46
CA LEU B 196 2.13 -1.85 31.12
C LEU B 196 1.19 -0.65 31.15
N VAL B 197 1.47 0.37 30.33
CA VAL B 197 0.78 1.65 30.42
C VAL B 197 0.18 2.00 29.07
N PHE B 198 -1.13 2.30 29.07
CA PHE B 198 -1.87 2.71 27.89
C PHE B 198 -2.46 4.11 28.08
N PRO B 199 -2.46 4.94 27.03
CA PRO B 199 -3.11 6.25 27.13
C PRO B 199 -4.61 6.13 26.89
N LEU B 200 -5.36 6.84 27.70
CA LEU B 200 -6.82 6.82 27.62
C LEU B 200 -7.35 8.25 27.71
N HIS B 201 -8.62 8.40 27.34
CA HIS B 201 -9.36 9.63 27.58
C HIS B 201 -10.82 9.23 27.71
N GLY B 202 -11.54 9.86 28.63
CA GLY B 202 -12.89 9.40 28.91
C GLY B 202 -13.68 10.40 29.72
N GLY B 203 -14.90 10.00 30.05
CA GLY B 203 -15.86 10.85 30.74
C GLY B 203 -16.07 10.39 32.17
N VAL B 204 -15.89 11.32 33.10
CA VAL B 204 -16.06 11.05 34.53
C VAL B 204 -16.85 12.18 35.15
N ARG B 205 -17.78 11.84 36.03
CA ARG B 205 -18.56 12.85 36.74
C ARG B 205 -17.65 13.65 37.67
N PHE B 206 -18.00 14.92 37.87
CA PHE B 206 -17.15 15.82 38.64
C PHE B 206 -16.83 15.27 40.03
N SER B 207 -17.85 14.81 40.76
CA SER B 207 -17.61 14.27 42.09
C SER B 207 -16.60 13.13 42.05
N GLU B 208 -16.81 12.17 41.15
CA GLU B 208 -15.95 11.00 41.10
C GLU B 208 -14.54 11.34 40.66
N ALA B 209 -14.37 12.36 39.80
CA ALA B 209 -13.04 12.78 39.41
C ALA B 209 -12.30 13.42 40.58
N SER B 210 -13.00 14.24 41.36
CA SER B 210 -12.38 14.85 42.53
C SER B 210 -11.95 13.79 43.53
N LYS B 211 -12.73 12.72 43.68
CA LYS B 211 -12.32 11.61 44.52
C LYS B 211 -11.01 11.00 44.00
N MET B 212 -10.99 10.59 42.74
CA MET B 212 -9.78 10.01 42.16
C MET B 212 -8.59 10.94 42.34
N LEU B 213 -8.79 12.24 42.13
CA LEU B 213 -7.69 13.18 42.18
C LEU B 213 -7.21 13.44 43.61
N GLY B 214 -8.05 13.18 44.60
CA GLY B 214 -7.78 13.53 45.97
C GLY B 214 -8.21 14.94 46.33
N LYS B 215 -8.22 15.84 45.35
CA LYS B 215 -8.61 17.23 45.56
C LYS B 215 -9.77 17.59 44.64
N ASN B 216 -10.50 18.63 45.02
CA ASN B 216 -11.53 19.16 44.14
C ASN B 216 -10.90 19.74 42.88
N ILE B 217 -11.51 19.43 41.73
CA ILE B 217 -10.97 19.90 40.46
C ILE B 217 -11.27 21.38 40.31
N THR B 218 -10.33 22.12 39.72
CA THR B 218 -10.38 23.57 39.65
C THR B 218 -10.30 24.04 38.21
N PHE B 219 -11.14 25.01 37.87
CA PHE B 219 -11.15 25.61 36.54
C PHE B 219 -10.26 26.84 36.46
N GLU B 250 -21.83 17.58 36.27
CA GLU B 250 -21.64 17.46 34.83
C GLU B 250 -20.49 16.50 34.50
N VAL B 251 -20.57 15.89 33.32
CA VAL B 251 -19.59 14.89 32.90
C VAL B 251 -18.37 15.60 32.35
N LEU B 252 -17.23 15.41 33.02
CA LEU B 252 -15.97 15.97 32.56
C LEU B 252 -15.24 14.97 31.68
N VAL B 253 -14.46 15.51 30.74
CA VAL B 253 -13.67 14.73 29.80
C VAL B 253 -12.21 14.94 30.12
N LEU B 254 -11.53 13.89 30.59
CA LEU B 254 -10.19 13.97 31.12
C LEU B 254 -9.31 12.89 30.50
N ASP B 255 -8.04 12.90 30.88
CA ASP B 255 -7.02 11.99 30.34
C ASP B 255 -6.61 10.99 31.41
N PHE B 256 -6.56 9.71 31.04
CA PHE B 256 -6.31 8.63 31.99
C PHE B 256 -5.20 7.72 31.47
N LEU B 257 -4.64 6.94 32.39
CA LEU B 257 -3.71 5.86 32.09
C LEU B 257 -4.32 4.52 32.51
N TYR B 258 -4.11 3.50 31.69
CA TYR B 258 -4.43 2.13 32.07
C TYR B 258 -3.10 1.47 32.45
N VAL B 259 -2.93 1.19 33.74
CA VAL B 259 -1.68 0.70 34.30
C VAL B 259 -1.87 -0.74 34.78
N CYS B 260 -1.06 -1.65 34.25
CA CYS B 260 -1.06 -3.04 34.68
C CYS B 260 0.36 -3.47 35.08
N THR B 261 0.44 -4.41 35.99
CA THR B 261 1.69 -5.10 36.29
C THR B 261 1.75 -6.34 35.41
N LEU B 262 2.89 -6.56 34.78
CA LEU B 262 3.03 -7.68 33.84
C LEU B 262 3.70 -8.85 34.56
N LEU B 263 2.92 -9.51 35.41
CA LEU B 263 3.38 -10.68 36.16
C LEU B 263 3.38 -11.89 35.23
N ASP B 264 4.55 -12.23 34.70
CA ASP B 264 4.69 -13.36 33.79
C ASP B 264 4.13 -13.02 32.41
N ASN B 265 3.13 -13.78 31.95
CA ASN B 265 2.51 -13.54 30.67
C ASN B 265 1.22 -12.74 30.74
N ILE B 266 0.60 -12.65 31.90
CA ILE B 266 -0.72 -12.04 32.07
C ILE B 266 -0.55 -10.74 32.83
N PRO B 267 -1.20 -9.65 32.40
CA PRO B 267 -1.19 -8.43 33.21
C PRO B 267 -2.08 -8.58 34.43
N GLY B 268 -1.64 -7.97 35.54
CA GLY B 268 -2.39 -8.03 36.78
C GLY B 268 -2.43 -6.69 37.47
N GLU B 269 -3.33 -6.59 38.45
CA GLU B 269 -3.48 -5.38 39.25
C GLU B 269 -3.63 -4.16 38.35
N CYS B 270 -4.63 -4.24 37.47
CA CYS B 270 -4.89 -3.21 36.48
C CYS B 270 -5.90 -2.20 37.03
N SER B 271 -5.58 -0.92 36.87
CA SER B 271 -6.50 0.14 37.26
C SER B 271 -6.40 1.29 36.28
N ILE B 272 -7.41 2.15 36.31
CA ILE B 272 -7.45 3.37 35.50
C ILE B 272 -6.98 4.51 36.39
N GLN B 273 -5.87 5.15 36.00
CA GLN B 273 -5.32 6.28 36.73
C GLN B 273 -5.68 7.59 36.03
N LEU B 274 -6.15 8.55 36.81
CA LEU B 274 -6.48 9.88 36.31
C LEU B 274 -5.24 10.76 36.34
N ILE B 275 -5.03 11.50 35.24
CA ILE B 275 -3.91 12.43 35.13
C ILE B 275 -4.36 13.78 35.68
N PRO B 276 -3.57 14.44 36.52
CA PRO B 276 -4.00 15.72 37.11
C PRO B 276 -4.19 16.77 36.03
N PRO B 277 -5.43 17.17 35.76
CA PRO B 277 -5.72 18.05 34.63
C PRO B 277 -5.43 19.54 34.88
N ASP B 278 -4.73 19.88 35.96
CA ASP B 278 -4.57 21.29 36.32
C ASP B 278 -3.98 22.09 35.16
N ASN B 279 -2.87 21.61 34.59
CA ASN B 279 -2.19 22.28 33.49
C ASN B 279 -2.55 21.73 32.12
N MET B 280 -3.68 21.04 31.99
CA MET B 280 -4.01 20.35 30.76
C MET B 280 -5.32 20.87 30.18
N THR B 281 -5.51 20.60 28.88
CA THR B 281 -6.77 20.86 28.22
C THR B 281 -7.71 19.66 28.42
N MET B 282 -8.95 19.81 27.95
CA MET B 282 -9.89 18.71 28.00
C MET B 282 -9.31 17.44 27.39
N GLY B 283 -9.62 16.29 28.00
CA GLY B 283 -9.12 15.01 27.54
C GLY B 283 -9.32 14.78 26.05
N SER B 284 -8.41 14.04 25.42
CA SER B 284 -8.45 13.88 23.97
C SER B 284 -7.60 12.67 23.58
N GLU B 285 -7.74 12.28 22.31
CA GLU B 285 -6.88 11.25 21.73
C GLU B 285 -5.42 11.56 22.02
N SER B 286 -4.64 10.53 22.33
CA SER B 286 -3.35 10.75 22.98
C SER B 286 -2.39 9.63 22.63
N LYS B 287 -1.13 9.86 22.97
CA LYS B 287 -0.04 8.91 22.76
C LYS B 287 0.97 9.03 23.89
N LEU B 288 1.54 7.90 24.29
CA LEU B 288 2.55 7.83 25.33
C LEU B 288 3.95 7.69 24.74
N TYR B 289 4.92 8.29 25.42
CA TYR B 289 6.33 8.12 25.11
C TYR B 289 7.06 7.74 26.39
N LYS B 290 8.21 7.06 26.23
CA LYS B 290 9.13 6.82 27.34
C LYS B 290 10.50 7.30 26.92
N LEU B 291 11.01 8.35 27.56
CA LEU B 291 12.29 8.95 27.22
C LEU B 291 13.04 9.28 28.50
N ASN B 292 14.28 8.80 28.60
CA ASN B 292 15.09 9.01 29.80
C ASN B 292 14.30 8.65 31.05
N ASN B 293 13.69 7.47 31.04
CA ASN B 293 12.91 6.95 32.16
C ASN B 293 11.93 8.00 32.69
N SER B 294 11.25 8.68 31.77
CA SER B 294 10.15 9.57 32.11
C SER B 294 9.08 9.40 31.04
N LEU B 295 7.83 9.62 31.44
CA LEU B 295 6.70 9.44 30.54
C LEU B 295 6.25 10.78 29.99
N LEU B 296 6.05 10.82 28.67
CA LEU B 296 5.49 11.99 28.00
C LEU B 296 4.16 11.61 27.38
N LEU B 297 3.30 12.62 27.22
CA LEU B 297 1.98 12.40 26.65
C LEU B 297 1.73 13.44 25.57
N TYR B 298 1.54 12.99 24.33
CA TYR B 298 1.05 13.87 23.28
C TYR B 298 -0.47 13.82 23.26
N LYS B 299 -1.08 14.98 23.08
CA LYS B 299 -2.53 15.11 23.09
C LYS B 299 -3.00 15.87 21.87
N ARG B 300 -4.03 15.34 21.21
CA ARG B 300 -4.81 16.11 20.25
C ARG B 300 -5.39 17.34 20.91
N SER B 301 -5.26 18.49 20.26
CA SER B 301 -5.69 19.76 20.82
C SER B 301 -7.21 19.83 20.95
N SER B 302 -7.69 20.04 22.17
CA SER B 302 -9.11 20.16 22.46
C SER B 302 -9.54 21.59 22.75
N SER B 303 -8.68 22.57 22.49
CA SER B 303 -8.96 23.93 22.93
C SER B 303 -8.56 24.93 21.85
N TRP B 304 -8.78 26.20 22.16
CA TRP B 304 -8.30 27.29 21.31
C TRP B 304 -6.79 27.39 21.30
N TRP B 305 -6.13 26.76 22.26
CA TRP B 305 -4.67 26.76 22.32
C TRP B 305 -4.12 26.18 21.02
N PRO B 306 -3.28 26.92 20.29
CA PRO B 306 -2.92 26.52 18.92
C PRO B 306 -1.73 25.58 18.80
N TYR B 307 -0.98 25.32 19.86
CA TYR B 307 0.29 24.64 19.69
C TYR B 307 0.18 23.16 20.01
N THR B 308 1.03 22.37 19.35
CA THR B 308 1.16 20.96 19.64
C THR B 308 1.37 20.76 21.14
N GLU B 309 0.56 19.90 21.73
CA GLU B 309 0.55 19.71 23.18
C GLU B 309 1.31 18.43 23.55
N VAL B 310 2.38 18.57 24.32
CA VAL B 310 3.10 17.44 24.90
C VAL B 310 3.28 17.72 26.39
N TYR B 311 2.87 16.77 27.22
CA TYR B 311 2.94 16.91 28.67
C TYR B 311 3.98 15.98 29.24
N GLN B 312 4.74 16.50 30.21
CA GLN B 312 5.68 15.71 30.99
C GLN B 312 4.95 15.14 32.20
N LEU B 313 5.06 13.83 32.40
CA LEU B 313 4.39 13.15 33.48
C LEU B 313 5.40 12.71 34.54
N SER B 314 5.13 13.05 35.80
CA SER B 314 5.91 12.58 36.92
C SER B 314 5.06 11.61 37.73
N LEU B 315 5.59 10.43 37.99
CA LEU B 315 4.85 9.35 38.60
C LEU B 315 5.33 9.09 40.03
N ARG B 316 4.55 8.29 40.75
CA ARG B 316 4.91 7.80 42.07
C ARG B 316 4.71 6.29 42.04
N VAL B 317 5.80 5.55 41.96
CA VAL B 317 5.73 4.10 41.79
C VAL B 317 5.69 3.44 43.16
N SER B 318 4.94 2.35 43.25
CA SER B 318 4.91 1.50 44.44
C SER B 318 4.72 0.07 43.97
N LYS B 319 4.62 -0.85 44.93
CA LYS B 319 4.37 -2.25 44.60
C LYS B 319 2.94 -2.38 44.09
N ASN B 320 2.80 -2.74 42.80
CA ASN B 320 1.50 -2.88 42.16
C ASN B 320 0.74 -1.56 42.09
N SER B 321 1.45 -0.44 42.22
CA SER B 321 0.81 0.87 42.25
C SER B 321 1.65 1.86 41.47
N MET B 322 1.03 2.51 40.48
CA MET B 322 1.64 3.61 39.76
C MET B 322 0.59 4.71 39.67
N LYS B 323 0.87 5.85 40.29
CA LYS B 323 -0.03 6.99 40.26
C LYS B 323 0.70 8.17 39.63
N VAL B 324 -0.07 9.04 38.99
CA VAL B 324 0.50 10.20 38.30
C VAL B 324 0.55 11.36 39.28
N ARG B 325 1.75 11.88 39.52
CA ARG B 325 1.92 12.95 40.51
C ARG B 325 1.62 14.32 39.91
N GLU B 326 2.07 14.58 38.68
CA GLU B 326 1.75 15.85 38.05
C GLU B 326 1.96 15.73 36.55
N SER B 327 1.36 16.68 35.82
CA SER B 327 1.43 16.74 34.38
C SER B 327 1.79 18.17 33.99
N VAL B 328 2.96 18.35 33.40
CA VAL B 328 3.51 19.66 33.05
C VAL B 328 3.50 19.80 31.54
N ARG B 329 2.91 20.87 31.03
CA ARG B 329 2.89 21.10 29.60
C ARG B 329 4.24 21.67 29.17
N LEU B 330 4.92 20.97 28.26
CA LEU B 330 6.11 21.51 27.64
C LEU B 330 5.74 22.73 26.80
N ASN B 331 6.61 23.75 26.81
CA ASN B 331 6.35 24.97 26.04
C ASN B 331 6.83 24.79 24.60
N ILE B 332 5.96 24.19 23.79
CA ILE B 332 6.24 23.97 22.37
C ILE B 332 5.52 25.04 21.57
N THR B 333 6.27 25.74 20.72
CA THR B 333 5.69 26.75 19.85
C THR B 333 6.14 26.59 18.40
N SER B 334 6.89 25.54 18.08
CA SER B 334 7.41 25.38 16.72
C SER B 334 6.33 24.97 15.75
N THR B 335 5.44 24.06 16.15
CA THR B 335 4.35 23.58 15.30
C THR B 335 3.02 23.82 15.98
N THR B 336 1.96 23.84 15.17
CA THR B 336 0.62 24.16 15.61
C THR B 336 -0.34 23.14 15.01
N ARG B 337 -1.49 23.05 15.59
CA ARG B 337 -2.51 22.18 15.02
C ARG B 337 -3.45 22.99 14.13
N PRO B 338 -3.99 22.38 13.08
CA PRO B 338 -4.81 23.14 12.12
C PRO B 338 -6.19 23.51 12.68
N GLY B 339 -7.11 23.90 11.81
CA GLY B 339 -8.45 24.24 12.21
C GLY B 339 -8.59 25.63 12.80
N GLY B 356 -9.45 19.68 16.48
CA GLY B 356 -8.07 19.33 16.19
C GLY B 356 -7.90 18.08 15.35
N VAL B 357 -6.65 17.77 15.02
CA VAL B 357 -6.30 16.56 14.29
C VAL B 357 -5.16 15.87 15.03
N PHE B 358 -5.28 14.56 15.21
CA PHE B 358 -4.22 13.79 15.86
C PHE B 358 -3.02 13.70 14.94
N GLN B 359 -1.96 14.45 15.22
CA GLN B 359 -0.73 14.42 14.41
C GLN B 359 0.45 14.33 15.39
N ALA B 360 0.69 13.13 15.87
CA ALA B 360 1.58 12.90 17.01
C ALA B 360 3.03 12.88 16.56
N PRO B 361 3.92 13.63 17.20
CA PRO B 361 5.32 13.64 16.80
C PRO B 361 6.11 12.43 17.28
N GLY B 362 7.27 12.25 16.66
CA GLY B 362 8.27 11.31 17.13
C GLY B 362 9.37 12.07 17.85
N ILE B 363 9.47 11.88 19.17
CA ILE B 363 10.35 12.68 19.99
C ILE B 363 11.72 12.02 20.07
N ILE B 364 12.74 12.73 19.58
CA ILE B 364 14.10 12.20 19.52
C ILE B 364 14.86 12.45 20.81
N ARG B 365 14.79 13.66 21.36
CA ARG B 365 15.53 14.01 22.55
C ARG B 365 14.65 14.85 23.47
N LYS B 366 14.45 14.38 24.69
CA LYS B 366 13.62 15.04 25.68
C LYS B 366 14.39 16.13 26.40
N ALA B 367 13.67 16.89 27.22
CA ALA B 367 14.27 17.92 28.08
C ALA B 367 14.73 17.28 29.39
N LEU B 368 16.02 17.40 29.70
CA LEU B 368 16.54 16.86 30.94
C LEU B 368 15.84 17.45 32.16
N SER B 369 15.17 18.58 32.01
CA SER B 369 14.46 19.25 33.09
C SER B 369 13.36 20.11 32.48
N PRO B 370 12.12 19.64 32.45
CA PRO B 370 11.06 20.42 31.77
C PRO B 370 10.85 21.79 32.38
N LYS B 371 10.81 21.89 33.72
CA LYS B 371 10.57 23.17 34.37
C LYS B 371 11.76 24.12 34.28
N GLU B 372 12.92 23.65 33.82
CA GLU B 372 14.08 24.50 33.69
C GLU B 372 14.22 25.09 32.30
N SER B 373 14.16 24.24 31.27
CA SER B 373 14.21 24.71 29.88
C SER B 373 13.85 23.56 28.97
N ASN B 374 13.55 23.89 27.71
CA ASN B 374 13.22 22.92 26.68
C ASN B 374 14.16 23.01 25.48
N GLU B 375 15.36 23.57 25.67
CA GLU B 375 16.27 23.80 24.55
C GLU B 375 16.81 22.50 23.96
N ASP B 376 16.81 21.42 24.72
CA ASP B 376 17.30 20.13 24.24
C ASP B 376 16.23 19.31 23.53
N LEU B 377 14.96 19.69 23.66
CA LEU B 377 13.89 18.97 23.01
C LEU B 377 14.08 18.97 21.49
N LEU B 378 14.03 17.78 20.90
CA LEU B 378 14.11 17.64 19.45
C LEU B 378 13.07 16.61 19.01
N PHE B 379 12.25 16.97 18.04
CA PHE B 379 11.23 16.04 17.60
C PHE B 379 10.97 16.19 16.11
N PHE B 380 10.33 15.16 15.56
CA PHE B 380 10.00 15.05 14.15
C PHE B 380 8.49 14.92 14.03
N GLN B 381 7.88 15.64 13.10
CA GLN B 381 6.43 15.65 13.03
C GLN B 381 5.94 15.84 11.60
N ALA B 382 4.93 15.05 11.24
CA ALA B 382 4.17 15.21 10.01
C ALA B 382 2.86 15.92 10.35
N TRP B 383 2.73 17.19 9.98
CA TRP B 383 1.61 17.98 10.45
C TRP B 383 1.06 18.88 9.35
N THR B 384 -0.14 19.36 9.60
CA THR B 384 -0.83 20.26 8.68
C THR B 384 -0.66 21.68 9.19
N SER B 385 -0.08 22.54 8.37
CA SER B 385 0.06 23.95 8.68
C SER B 385 -1.04 24.71 7.93
N ASP B 386 -1.80 25.52 8.66
CA ASP B 386 -2.82 26.35 8.03
C ASP B 386 -2.47 27.82 8.10
N SER B 387 -1.22 28.15 8.44
CA SER B 387 -0.78 29.53 8.45
C SER B 387 -0.81 30.10 7.03
N ILE B 388 -0.71 31.42 6.94
CA ILE B 388 -0.70 32.06 5.64
C ILE B 388 0.65 31.86 4.94
N ALA B 389 1.72 31.66 5.70
CA ALA B 389 3.04 31.48 5.10
C ALA B 389 3.28 30.04 4.65
N ARG B 390 2.73 29.05 5.37
CA ARG B 390 2.86 27.64 5.00
C ARG B 390 1.48 27.01 5.10
N GLN B 391 0.83 26.81 3.96
CA GLN B 391 -0.45 26.12 3.87
C GLN B 391 -0.23 24.75 3.22
N GLY B 392 -0.49 23.69 3.98
CA GLY B 392 -0.37 22.35 3.46
C GLY B 392 0.37 21.45 4.42
N PRO B 393 0.54 20.19 4.02
CA PRO B 393 1.23 19.23 4.89
C PRO B 393 2.73 19.48 4.92
N LEU B 394 3.33 19.26 6.09
CA LEU B 394 4.76 19.50 6.29
C LEU B 394 5.41 18.30 6.98
N ILE B 395 6.69 18.10 6.67
CA ILE B 395 7.56 17.20 7.42
C ILE B 395 8.61 18.08 8.09
N SER B 396 8.65 18.06 9.43
CA SER B 396 9.45 19.00 10.20
C SER B 396 10.31 18.31 11.24
N LEU B 397 11.53 18.81 11.39
CA LEU B 397 12.40 18.52 12.53
C LEU B 397 12.51 19.80 13.35
N CYS B 398 12.02 19.75 14.59
CA CYS B 398 11.78 20.97 15.34
C CYS B 398 12.31 20.89 16.77
N ARG B 399 12.78 22.03 17.24
CA ARG B 399 12.97 22.27 18.66
C ARG B 399 11.65 22.78 19.25
N ALA B 400 11.65 23.03 20.55
CA ALA B 400 10.44 23.53 21.20
C ALA B 400 9.97 24.83 20.55
N ASP B 401 10.92 25.70 20.19
CA ASP B 401 10.58 27.06 19.76
C ASP B 401 10.79 27.31 18.28
N SER B 402 11.33 26.35 17.53
CA SER B 402 11.59 26.58 16.12
C SER B 402 11.87 25.25 15.44
N CYS B 403 11.60 25.20 14.14
CA CYS B 403 11.87 24.02 13.34
C CYS B 403 13.12 24.28 12.53
N VAL B 404 14.08 23.36 12.61
CA VAL B 404 15.36 23.54 11.93
C VAL B 404 15.35 22.99 10.51
N LEU B 405 14.37 22.16 10.15
CA LEU B 405 14.27 21.59 8.82
C LEU B 405 12.80 21.33 8.53
N THR B 406 12.37 21.64 7.31
CA THR B 406 10.98 21.44 6.91
C THR B 406 10.91 21.03 5.45
N ILE B 407 10.13 19.98 5.18
CA ILE B 407 9.90 19.47 3.84
C ILE B 407 8.43 19.69 3.50
N PRO B 408 8.10 20.57 2.57
CA PRO B 408 6.69 20.68 2.12
C PRO B 408 6.26 19.43 1.38
N LEU B 409 5.10 18.89 1.77
CA LEU B 409 4.53 17.72 1.13
C LEU B 409 3.60 18.06 -0.04
N GLY B 410 3.24 19.32 -0.20
CA GLY B 410 2.41 19.73 -1.31
C GLY B 410 1.58 20.94 -0.97
N ASN B 411 0.75 21.34 -1.93
CA ASN B 411 -0.15 22.47 -1.75
C ASN B 411 -1.21 22.12 -0.72
N SER B 412 -2.01 23.14 -0.36
CA SER B 412 -3.07 22.96 0.62
C SER B 412 -4.08 21.91 0.22
N ASP B 413 -4.15 21.56 -1.07
CA ASP B 413 -5.07 20.52 -1.53
C ASP B 413 -4.56 19.11 -1.26
N VAL B 414 -3.29 18.96 -0.86
CA VAL B 414 -2.75 17.67 -0.49
C VAL B 414 -3.14 17.37 0.96
N PHE B 415 -4.07 16.46 1.16
CA PHE B 415 -4.61 16.15 2.48
C PHE B 415 -3.82 15.05 3.17
N ILE B 416 -3.46 15.27 4.43
CA ILE B 416 -3.05 14.22 5.35
C ILE B 416 -3.97 14.28 6.57
N GLY B 417 -4.36 13.11 7.07
CA GLY B 417 -5.24 13.07 8.22
C GLY B 417 -4.49 12.82 9.52
N TYR B 418 -4.93 11.82 10.28
CA TYR B 418 -4.17 11.44 11.47
C TYR B 418 -2.74 11.10 11.09
N THR B 419 -1.83 11.40 12.00
CA THR B 419 -0.40 11.24 11.76
C THR B 419 0.26 10.68 13.01
N ASP B 420 1.29 9.86 12.80
CA ASP B 420 2.11 9.36 13.89
C ASP B 420 3.51 9.11 13.36
N SER B 421 4.53 9.56 14.09
CA SER B 421 5.92 9.42 13.70
C SER B 421 6.74 8.84 14.84
N PHE B 422 7.89 8.29 14.48
CA PHE B 422 8.86 7.76 15.42
C PHE B 422 10.20 7.74 14.70
N CYS B 423 11.27 7.96 15.45
CA CYS B 423 12.60 8.04 14.88
C CYS B 423 13.52 6.98 15.48
N LEU B 424 14.35 6.40 14.62
CA LEU B 424 15.38 5.44 15.01
C LEU B 424 16.73 6.08 14.76
N SER B 425 17.52 6.24 15.81
CA SER B 425 18.81 6.88 15.68
C SER B 425 19.92 5.85 15.50
N ASP B 426 20.93 6.21 14.70
CA ASP B 426 22.14 5.42 14.59
C ASP B 426 23.24 6.17 15.33
N ARG B 427 23.67 5.65 16.49
CA ARG B 427 24.68 6.35 17.28
C ARG B 427 25.99 6.48 16.53
N ASP B 428 26.53 5.35 16.03
CA ASP B 428 27.76 5.36 15.26
C ASP B 428 27.71 6.43 14.20
N ASN B 429 26.84 6.27 13.21
CA ASN B 429 26.73 7.29 12.19
C ASN B 429 26.09 8.55 12.79
N GLU B 430 26.21 9.65 12.06
CA GLU B 430 25.51 10.89 12.40
C GLU B 430 24.19 10.96 11.63
N LYS B 431 23.42 9.88 11.71
CA LYS B 431 22.22 9.68 10.93
C LYS B 431 21.05 9.25 11.81
N ILE B 432 19.90 9.90 11.61
CA ILE B 432 18.67 9.59 12.30
C ILE B 432 17.62 9.27 11.24
N TYR B 433 16.91 8.18 11.44
CA TYR B 433 15.82 7.78 10.57
C TYR B 433 14.50 8.03 11.28
N CYS B 434 13.57 8.67 10.56
CA CYS B 434 12.23 8.90 11.09
C CYS B 434 11.20 8.35 10.13
N VAL B 435 10.19 7.67 10.69
CA VAL B 435 9.09 7.10 9.93
C VAL B 435 7.86 7.93 10.21
N ALA B 436 7.12 8.28 9.17
CA ALA B 436 5.88 9.03 9.29
C ALA B 436 4.74 8.12 8.85
N LEU B 437 3.79 7.87 9.74
CA LEU B 437 2.57 7.15 9.42
C LEU B 437 1.50 8.18 9.05
N LEU B 438 1.02 8.14 7.81
CA LEU B 438 0.11 9.15 7.31
C LEU B 438 -1.22 8.54 6.88
N GLU B 439 -2.31 9.10 7.39
CA GLU B 439 -3.61 8.90 6.77
C GLU B 439 -3.67 9.71 5.47
N LEU B 440 -4.07 9.05 4.38
CA LEU B 440 -4.20 9.71 3.09
C LEU B 440 -5.61 9.53 2.56
N ASP B 441 -6.12 10.59 1.93
CA ASP B 441 -7.41 10.54 1.25
C ASP B 441 -7.41 9.47 0.18
N ASN B 442 -8.46 8.64 0.14
CA ASN B 442 -8.57 7.56 -0.81
C ASN B 442 -9.82 7.67 -1.67
N MET B 443 -10.51 8.81 -1.66
CA MET B 443 -11.70 8.96 -2.46
C MET B 443 -11.34 9.03 -3.94
N PRO B 444 -12.22 8.54 -4.82
CA PRO B 444 -13.53 7.97 -4.47
C PRO B 444 -13.54 6.48 -4.18
N TYR B 445 -12.37 5.84 -4.01
CA TYR B 445 -12.36 4.40 -3.76
C TYR B 445 -12.88 4.10 -2.35
N SER B 446 -12.41 4.84 -1.36
CA SER B 446 -12.90 4.72 0.00
C SER B 446 -12.44 5.97 0.74
N GLU B 447 -12.87 6.10 1.99
CA GLU B 447 -12.57 7.31 2.74
C GLU B 447 -11.07 7.53 2.87
N MET B 448 -10.35 6.56 3.42
CA MET B 448 -8.99 6.80 3.84
C MET B 448 -8.12 5.58 3.58
N THR B 449 -6.82 5.81 3.60
CA THR B 449 -5.82 4.75 3.56
C THR B 449 -4.59 5.25 4.30
N ILE B 450 -3.80 4.33 4.81
CA ILE B 450 -2.59 4.66 5.56
C ILE B 450 -1.38 4.13 4.82
N ARG B 451 -0.32 4.93 4.77
CA ARG B 451 0.97 4.50 4.25
C ARG B 451 2.07 5.04 5.16
N SER B 452 3.25 4.43 5.08
CA SER B 452 4.40 4.91 5.84
C SER B 452 5.45 5.46 4.88
N PHE B 453 6.29 6.33 5.43
CA PHE B 453 7.32 7.02 4.65
C PHE B 453 8.55 7.17 5.53
N LEU B 454 9.71 7.20 4.90
CA LEU B 454 10.99 7.12 5.59
C LEU B 454 11.83 8.34 5.25
N TYR B 455 12.44 8.95 6.27
CA TYR B 455 13.25 10.15 6.10
C TYR B 455 14.58 9.98 6.81
N LEU B 456 15.64 10.46 6.18
CA LEU B 456 16.98 10.43 6.72
C LEU B 456 17.38 11.84 7.14
N ILE B 457 17.87 11.97 8.36
CA ILE B 457 18.35 13.25 8.88
C ILE B 457 19.84 13.10 9.19
N LYS B 458 20.67 13.86 8.49
CA LYS B 458 22.11 13.81 8.72
C LYS B 458 22.68 15.19 9.03
C1 NAG C . -20.01 -12.68 -33.92
C2 NAG C . -20.67 -13.18 -35.21
C3 NAG C . -22.00 -12.46 -35.45
C4 NAG C . -22.89 -12.61 -34.22
C5 NAG C . -22.16 -12.13 -32.97
C6 NAG C . -22.95 -12.34 -31.70
C7 NAG C . -19.43 -13.99 -37.17
C8 NAG C . -18.51 -13.63 -38.30
N2 NAG C . -19.78 -13.00 -36.35
O3 NAG C . -22.64 -13.01 -36.59
O4 NAG C . -24.09 -11.85 -34.39
O5 NAG C . -20.92 -12.85 -32.82
O6 NAG C . -24.34 -12.50 -31.97
O7 NAG C . -19.84 -15.15 -37.00
C1 NAG D . -7.15 -14.66 -40.70
C2 NAG D . -8.13 -15.06 -41.80
C3 NAG D . -7.61 -16.30 -42.55
C4 NAG D . -6.19 -16.06 -43.05
C5 NAG D . -5.29 -15.61 -41.91
C6 NAG D . -3.91 -15.21 -42.37
C7 NAG D . -9.82 -16.31 -40.48
C8 NAG D . -8.72 -17.27 -40.10
N2 NAG D . -9.47 -15.29 -41.28
O3 NAG D . -8.48 -16.59 -43.64
O4 NAG D . -5.67 -17.26 -43.59
O5 NAG D . -5.85 -14.45 -41.27
O6 NAG D . -3.58 -13.90 -41.93
O7 NAG D . -10.97 -16.45 -40.08
C1 NAG E . 8.81 14.93 -7.15
C2 NAG E . 9.93 15.95 -6.97
C3 NAG E . 9.58 16.94 -5.87
C4 NAG E . 8.22 17.56 -6.11
C5 NAG E . 7.17 16.47 -6.33
C6 NAG E . 5.81 17.00 -6.68
C7 NAG E . 12.19 15.22 -7.56
C8 NAG E . 13.44 14.49 -7.10
N2 NAG E . 11.20 15.30 -6.69
O3 NAG E . 10.57 17.97 -5.81
O4 NAG E . 7.83 18.36 -5.01
O5 NAG E . 7.58 15.61 -7.41
O6 NAG E . 4.97 15.97 -7.20
O7 NAG E . 12.12 15.70 -8.69
C1 NAG F . 6.51 15.34 -28.63
C2 NAG F . 5.26 16.20 -28.44
C3 NAG F . 5.23 17.31 -29.49
C4 NAG F . 6.53 18.12 -29.44
C5 NAG F . 7.72 17.17 -29.59
C6 NAG F . 9.04 17.88 -29.44
C7 NAG F . 3.32 15.08 -27.45
C8 NAG F . 2.11 14.24 -27.71
N2 NAG F . 4.05 15.40 -28.52
O3 NAG F . 4.12 18.18 -29.23
O4 NAG F . 6.54 19.08 -30.49
O5 NAG F . 7.67 16.16 -28.58
O6 NAG F . 8.88 19.29 -29.47
O7 NAG F . 3.63 15.45 -26.32
C ACT G . -5.15 7.98 -18.41
O ACT G . -6.36 8.36 -18.34
OXT ACT G . -4.20 8.22 -17.62
CH3 ACT G . -4.81 7.13 -19.67
H1 ACT G . -5.31 6.31 -19.66
H2 ACT G . -3.86 6.94 -19.69
H3 ACT G . -5.04 7.65 -20.47
C ACT H . 12.58 8.65 -9.98
O ACT H . 11.74 9.55 -10.22
OXT ACT H . 13.56 8.29 -10.67
CH3 ACT H . 12.38 7.90 -8.62
H1 ACT H . 12.58 6.95 -8.74
H2 ACT H . 11.46 8.00 -8.33
H3 ACT H . 12.98 8.28 -7.96
C ACT I . 3.74 2.24 -25.92
O ACT I . 2.64 1.97 -26.52
OXT ACT I . 4.29 1.62 -24.96
CH3 ACT I . 4.47 3.48 -26.48
H1 ACT I . 4.00 4.28 -26.24
H2 ACT I . 5.37 3.51 -26.11
H3 ACT I . 4.53 3.41 -27.44
C ACT J . -16.03 -7.81 1.16
O ACT J . -16.02 -7.26 0.02
OXT ACT J . -15.80 -9.03 1.46
CH3 ACT J . -16.36 -6.88 2.35
H1 ACT J . -17.20 -6.44 2.19
H2 ACT J . -15.66 -6.22 2.46
H3 ACT J . -16.43 -7.41 3.17
CA CA K . 12.44 6.34 -33.96
C1 NAG L . 7.59 29.64 25.30
C2 NAG L . 7.01 30.80 26.12
C3 NAG L . 6.89 32.05 25.24
C4 NAG L . 8.24 32.38 24.61
C5 NAG L . 8.78 31.17 23.85
C6 NAG L . 10.16 31.40 23.29
C7 NAG L . 5.51 30.26 27.98
C8 NAG L . 4.12 29.88 28.38
N2 NAG L . 5.71 30.43 26.67
O3 NAG L . 6.44 33.14 26.04
O4 NAG L . 8.11 33.48 23.72
O5 NAG L . 8.86 30.05 24.74
O6 NAG L . 10.54 30.35 22.41
O7 NAG L . 6.41 30.40 28.81
C1 NAG M . 1.43 22.54 36.82
C2 NAG M . 1.57 21.37 37.79
C3 NAG M . 2.43 21.77 38.98
C4 NAG M . 3.76 22.34 38.52
C5 NAG M . 3.53 23.48 37.55
C6 NAG M . 4.82 24.01 36.96
C7 NAG M . -0.11 19.62 38.18
C8 NAG M . -1.48 19.31 38.71
N2 NAG M . 0.27 20.90 38.24
O3 NAG M . 2.66 20.62 39.80
O4 NAG M . 4.51 22.80 39.63
O5 NAG M . 2.73 23.02 36.45
O6 NAG M . 4.67 24.36 35.58
O7 NAG M . 0.62 18.74 37.72
C1 NAG N . -18.75 -1.88 0.72
C2 NAG N . -19.98 -2.78 0.70
C3 NAG N . -20.56 -2.90 -0.71
C4 NAG N . -20.79 -1.51 -1.31
C5 NAG N . -19.52 -0.67 -1.20
C6 NAG N . -19.72 0.75 -1.68
C7 NAG N . -20.09 -4.49 2.45
C8 NAG N . -19.69 -5.88 2.85
N2 NAG N . -19.69 -4.09 1.24
O3 NAG N . -21.78 -3.61 -0.66
O4 NAG N . -21.16 -1.63 -2.67
O5 NAG N . -19.09 -0.60 0.16
O6 NAG N . -18.93 1.67 -0.92
O7 NAG N . -20.77 -3.77 3.19
C1 NAG O . -25.62 9.94 17.75
C2 NAG O . -26.18 10.78 16.61
C3 NAG O . -27.46 11.48 17.06
C4 NAG O . -28.45 10.48 17.61
C5 NAG O . -27.79 9.65 18.72
C6 NAG O . -28.68 8.55 19.25
C7 NAG O . -24.68 12.73 16.83
C8 NAG O . -25.14 12.85 18.25
N2 NAG O . -25.21 11.73 16.11
O3 NAG O . -28.04 12.18 15.95
O4 NAG O . -29.59 11.15 18.15
O5 NAG O . -26.60 9.02 18.22
O6 NAG O . -29.51 8.01 18.24
O7 NAG O . -23.86 13.51 16.35
C1 NAG P . 18.47 12.22 28.09
C2 NAG P . 18.32 12.44 26.58
C3 NAG P . 19.66 12.86 25.97
C4 NAG P . 20.22 14.07 26.70
C5 NAG P . 20.32 13.78 28.19
C6 NAG P . 20.78 14.97 29.00
C7 NAG P . 16.69 11.22 25.22
C8 NAG P . 16.32 9.90 24.60
N2 NAG P . 17.82 11.24 25.92
O3 NAG P . 19.50 13.15 24.59
O4 NAG P . 21.51 14.40 26.19
O5 NAG P . 19.03 13.41 28.70
O6 NAG P . 19.69 15.82 29.32
O7 NAG P . 15.99 12.22 25.08
C1 NAG Q . -15.90 20.33 46.19
C2 NAG Q . -16.19 21.00 47.53
C3 NAG Q . -17.62 20.67 47.98
C4 NAG Q . -18.61 21.06 46.90
C5 NAG Q . -18.24 20.39 45.59
C6 NAG Q . -19.13 20.80 44.44
C7 NAG Q . -14.11 21.26 48.79
C8 NAG Q . -13.23 20.70 49.86
N2 NAG Q . -15.23 20.59 48.54
O3 NAG Q . -17.91 21.37 49.19
O4 NAG Q . -19.93 20.67 47.28
O5 NAG Q . -16.90 20.73 45.22
O6 NAG Q . -18.65 21.99 43.81
O7 NAG Q . -13.81 22.28 48.18
C ACT R . -15.70 -4.72 7.24
O ACT R . -16.47 -3.72 7.17
OXT ACT R . -15.80 -5.75 7.97
CH3 ACT R . -14.45 -4.67 6.32
H1 ACT R . -14.43 -5.48 5.76
H2 ACT R . -13.64 -4.64 6.86
H3 ACT R . -14.49 -3.89 5.76
C ACT S . -11.40 13.46 8.40
O ACT S . -12.18 14.36 8.83
OXT ACT S . -10.35 13.00 8.94
CH3 ACT S . -11.81 12.86 7.01
H1 ACT S . -12.40 12.10 7.15
H2 ACT S . -11.02 12.56 6.54
H3 ACT S . -12.27 13.53 6.50
C ACT T . -13.41 8.55 20.08
O ACT T . -14.53 9.06 19.77
OXT ACT T . -12.99 7.38 19.86
CH3 ACT T . -12.44 9.48 20.83
H1 ACT T . -11.59 9.49 20.37
H2 ACT T . -12.31 9.15 21.74
H3 ACT T . -12.80 10.37 20.86
C ACT U . 18.77 -2.35 14.09
O ACT U . 18.46 -1.55 13.15
OXT ACT U . 19.35 -3.48 14.02
CH3 ACT U . 18.34 -1.89 15.51
H1 ACT U . 18.82 -1.07 15.75
H2 ACT U . 18.55 -2.58 16.16
H3 ACT U . 17.38 -1.72 15.53
C ACT V . -10.96 14.01 3.27
O ACT V . -10.48 14.69 2.30
OXT ACT V . -11.41 14.44 4.37
CH3 ACT V . -11.01 12.46 3.07
H1 ACT V . -10.61 12.03 3.85
H2 ACT V . -11.93 12.18 2.98
H3 ACT V . -10.52 12.22 2.28
C ACT W . 6.53 -6.03 5.64
O ACT W . 5.28 -6.15 5.45
OXT ACT W . 7.15 -5.48 6.59
CH3 ACT W . 7.43 -6.63 4.50
H1 ACT W . 7.34 -7.60 4.50
H2 ACT W . 8.35 -6.39 4.67
H3 ACT W . 7.14 -6.27 3.65
CA CA X . -21.46 5.58 28.11
#